data_1DJ2
#
_entry.id   1DJ2
#
_cell.length_a   212.76
_cell.length_b   212.76
_cell.length_c   212.76
_cell.angle_alpha   90
_cell.angle_beta   90
_cell.angle_gamma   90
#
_symmetry.space_group_name_H-M   'I 2 3'
#
loop_
_entity.id
_entity.type
_entity.pdbx_description
1 polymer 'ADENYLOSUCCINATE SYNTHETASE'
2 non-polymer "GUANOSINE-5'-DIPHOSPHATE"
#
_entity_poly.entity_id   1
_entity_poly.type   'polypeptide(L)'
_entity_poly.pdbx_seq_one_letter_code
;SVAADSAATESLGRIGSLSQVSGVLGCQWGDEGKGKLVDILAQHFDIVARCQGGANAGHTIYNSEGKKFALHLVPSGILN
EDTTCVIGNGVVVHLPGLFKEIDGLESNGVSCKGRILVSDRAHLLFDFHQEVDGLRESELAKSFIGTTKRGIGPAYSSKV
IRNGIRVGDLRHMDTLPQKLDLLLSDAAARFQGFKYTPEMLREEVEAYKRYADRLEPYITDTVHFINDSISQKKKVLVEG
GQATMLDIDFGTYPFVTSSSPSAGGICTGLGIAPSVVGDLIGVVKAYTTRVGSGPFPTENLGTGGDLLRLAGQEFGTTTG
RPRRCGWLDIVALKFSCQINGFASLNLTKLDVLSDLNEIQLGVAYKRSDGTPVKSFPGDLRLLEELHVEYEVLPGWKSDI
SSVRNYSDLPKAAQQYVERIEELVGVPIHYIGIGPGRDALIYK
;
_entity_poly.pdbx_strand_id   A,B
#
loop_
_chem_comp.id
_chem_comp.type
_chem_comp.name
_chem_comp.formula
GDP RNA linking GUANOSINE-5'-DIPHOSPHATE 'C10 H15 N5 O11 P2'
#
# COMPACT_ATOMS: atom_id res chain seq x y z
N ILE A 15 -12.86 -26.21 4.34
CA ILE A 15 -12.99 -25.34 3.13
C ILE A 15 -14.18 -24.38 3.26
N GLY A 16 -15.30 -24.90 3.73
CA GLY A 16 -16.48 -24.07 3.92
C GLY A 16 -16.39 -23.33 5.24
N SER A 17 -15.34 -23.62 5.99
CA SER A 17 -15.10 -23.02 7.30
C SER A 17 -14.36 -21.67 7.16
N LEU A 18 -13.94 -21.35 5.94
CA LEU A 18 -13.22 -20.11 5.65
C LEU A 18 -14.00 -18.85 6.07
N SER A 19 -13.26 -17.81 6.45
CA SER A 19 -13.87 -16.57 6.88
C SER A 19 -14.67 -15.95 5.73
N GLN A 20 -15.50 -14.96 6.06
CA GLN A 20 -16.33 -14.29 5.07
C GLN A 20 -15.47 -13.59 4.02
N VAL A 21 -14.39 -12.95 4.48
CA VAL A 21 -13.51 -12.27 3.56
C VAL A 21 -12.12 -12.89 3.56
N SER A 22 -11.99 -14.01 2.85
CA SER A 22 -10.71 -14.71 2.77
C SER A 22 -9.84 -14.13 1.66
N GLY A 23 -8.60 -14.61 1.57
CA GLY A 23 -7.68 -14.13 0.57
C GLY A 23 -6.62 -15.18 0.32
N VAL A 24 -5.97 -15.11 -0.83
CA VAL A 24 -4.94 -16.07 -1.18
C VAL A 24 -3.74 -15.29 -1.69
N LEU A 25 -2.61 -15.41 -1.02
CA LEU A 25 -1.40 -14.69 -1.43
C LEU A 25 -0.22 -15.62 -1.66
N GLY A 26 0.79 -15.13 -2.38
CA GLY A 26 1.97 -15.93 -2.64
C GLY A 26 3.04 -15.68 -1.59
N CYS A 27 3.81 -16.72 -1.24
CA CYS A 27 4.84 -16.60 -0.22
C CYS A 27 6.27 -16.51 -0.72
N GLN A 28 6.53 -17.03 -1.91
CA GLN A 28 7.89 -17.02 -2.45
C GLN A 28 8.14 -15.95 -3.51
N TRP A 29 8.52 -16.34 -4.72
CA TRP A 29 8.79 -15.36 -5.77
C TRP A 29 7.90 -15.38 -7.00
N GLY A 30 6.64 -15.74 -6.86
CA GLY A 30 5.75 -15.70 -8.00
C GLY A 30 4.85 -16.79 -8.55
N ASP A 31 5.38 -17.97 -8.80
CA ASP A 31 4.56 -19.02 -9.40
C ASP A 31 4.11 -20.13 -8.50
N GLU A 32 3.82 -19.80 -7.26
CA GLU A 32 3.39 -20.76 -6.27
C GLU A 32 2.30 -21.71 -6.78
N GLY A 33 1.17 -21.16 -7.20
CA GLY A 33 0.08 -22.00 -7.69
C GLY A 33 -1.25 -21.52 -7.13
N LYS A 34 -1.39 -20.21 -6.99
CA LYS A 34 -2.60 -19.59 -6.46
C LYS A 34 -3.78 -19.77 -7.38
N GLY A 35 -3.55 -19.55 -8.68
CA GLY A 35 -4.60 -19.69 -9.68
C GLY A 35 -5.42 -20.95 -9.46
N LYS A 36 -4.72 -22.07 -9.35
CA LYS A 36 -5.36 -23.35 -9.12
C LYS A 36 -6.26 -23.28 -7.89
N LEU A 37 -5.68 -22.80 -6.79
CA LEU A 37 -6.38 -22.70 -5.51
C LEU A 37 -7.60 -21.81 -5.53
N VAL A 38 -7.48 -20.63 -6.11
CA VAL A 38 -8.60 -19.71 -6.17
C VAL A 38 -9.73 -20.35 -6.96
N ASP A 39 -9.36 -21.00 -8.07
CA ASP A 39 -10.33 -21.68 -8.91
C ASP A 39 -11.05 -22.76 -8.11
N ILE A 40 -10.33 -23.43 -7.23
CA ILE A 40 -10.89 -24.47 -6.40
C ILE A 40 -11.77 -23.90 -5.28
N LEU A 41 -11.31 -22.82 -4.68
CA LEU A 41 -12.03 -22.17 -3.59
C LEU A 41 -13.24 -21.35 -4.02
N ALA A 42 -13.24 -20.90 -5.26
CA ALA A 42 -14.32 -20.07 -5.81
C ALA A 42 -15.70 -20.70 -5.74
N GLN A 43 -15.76 -22.02 -5.60
CA GLN A 43 -17.03 -22.73 -5.53
C GLN A 43 -17.90 -22.25 -4.37
N HIS A 44 -17.26 -21.82 -3.28
CA HIS A 44 -17.99 -21.36 -2.11
C HIS A 44 -17.82 -19.88 -1.81
N PHE A 45 -17.65 -19.08 -2.87
CA PHE A 45 -17.49 -17.64 -2.72
C PHE A 45 -18.34 -16.86 -3.73
N ASP A 46 -19.06 -15.86 -3.24
CA ASP A 46 -19.91 -15.04 -4.08
C ASP A 46 -19.08 -14.10 -4.96
N ILE A 47 -17.94 -13.64 -4.45
CA ILE A 47 -17.09 -12.70 -5.18
C ILE A 47 -15.59 -13.01 -5.11
N VAL A 48 -14.90 -12.85 -6.25
CA VAL A 48 -13.46 -13.06 -6.33
C VAL A 48 -12.85 -11.78 -6.90
N ALA A 49 -11.96 -11.15 -6.15
CA ALA A 49 -11.37 -9.89 -6.61
C ALA A 49 -9.87 -9.75 -6.53
N ARG A 50 -9.29 -9.26 -7.63
CA ARG A 50 -7.86 -9.02 -7.70
C ARG A 50 -7.65 -7.63 -7.10
N CYS A 51 -6.52 -7.41 -6.45
CA CYS A 51 -6.29 -6.12 -5.81
C CYS A 51 -5.07 -5.32 -6.26
N GLN A 52 -4.01 -6.00 -6.70
CA GLN A 52 -2.80 -5.32 -7.12
C GLN A 52 -2.28 -5.86 -8.45
N GLY A 53 -1.08 -5.43 -8.83
CA GLY A 53 -0.45 -5.88 -10.06
C GLY A 53 -1.17 -5.53 -11.35
N GLY A 54 -0.75 -6.18 -12.43
CA GLY A 54 -1.34 -5.94 -13.73
C GLY A 54 -1.52 -7.18 -14.59
N ALA A 55 -1.07 -7.09 -15.84
CA ALA A 55 -1.18 -8.20 -16.77
C ALA A 55 0.01 -9.14 -16.65
N ASN A 56 1.02 -8.71 -15.90
CA ASN A 56 2.24 -9.48 -15.66
C ASN A 56 1.97 -10.91 -15.17
N ALA A 57 0.77 -11.14 -14.63
CA ALA A 57 0.39 -12.45 -14.09
C ALA A 57 0.27 -13.56 -15.13
N GLY A 58 0.01 -14.77 -14.65
CA GLY A 58 -0.14 -15.92 -15.52
C GLY A 58 -0.75 -17.10 -14.78
N HIS A 59 -1.87 -16.86 -14.12
CA HIS A 59 -2.57 -17.89 -13.36
C HIS A 59 -3.11 -19.01 -14.26
N THR A 60 -2.45 -20.17 -14.23
CA THR A 60 -2.88 -21.31 -15.05
C THR A 60 -3.88 -22.20 -14.31
N ILE A 61 -4.97 -22.57 -14.98
CA ILE A 61 -6.02 -23.39 -14.39
C ILE A 61 -6.57 -24.41 -15.38
N TYR A 62 -7.01 -25.56 -14.88
CA TYR A 62 -7.58 -26.61 -15.72
C TYR A 62 -8.99 -26.93 -15.23
N ASN A 63 -9.97 -26.83 -16.11
CA ASN A 63 -11.34 -27.13 -15.72
C ASN A 63 -11.58 -28.62 -15.48
N SER A 64 -12.85 -29.00 -15.30
CA SER A 64 -13.22 -30.38 -15.05
C SER A 64 -12.75 -31.35 -16.14
N GLU A 65 -12.69 -30.86 -17.37
CA GLU A 65 -12.27 -31.67 -18.51
C GLU A 65 -10.76 -31.76 -18.71
N GLY A 66 -10.07 -30.65 -18.50
CA GLY A 66 -8.63 -30.65 -18.68
C GLY A 66 -8.15 -29.51 -19.56
N LYS A 67 -9.04 -28.59 -19.91
CA LYS A 67 -8.71 -27.45 -20.74
C LYS A 67 -7.81 -26.48 -19.96
N LYS A 68 -6.74 -26.04 -20.61
CA LYS A 68 -5.78 -25.12 -20.01
C LYS A 68 -6.16 -23.66 -20.21
N PHE A 69 -6.56 -23.01 -19.13
CA PHE A 69 -6.93 -21.60 -19.15
C PHE A 69 -5.79 -20.82 -18.51
N ALA A 70 -5.33 -19.75 -19.16
CA ALA A 70 -4.25 -18.94 -18.60
C ALA A 70 -4.69 -17.48 -18.40
N LEU A 71 -5.32 -17.22 -17.25
CA LEU A 71 -5.80 -15.89 -16.90
C LEU A 71 -4.65 -14.91 -16.65
N HIS A 72 -4.93 -13.62 -16.74
CA HIS A 72 -3.94 -12.59 -16.49
C HIS A 72 -4.54 -11.50 -15.64
N LEU A 73 -5.48 -10.76 -16.21
CA LEU A 73 -6.16 -9.68 -15.50
C LEU A 73 -7.43 -10.13 -14.81
N VAL A 74 -8.21 -10.96 -15.49
CA VAL A 74 -9.46 -11.46 -14.95
C VAL A 74 -9.18 -12.42 -13.81
N PRO A 75 -9.85 -12.23 -12.66
CA PRO A 75 -9.68 -13.09 -11.47
C PRO A 75 -9.89 -14.57 -11.78
N SER A 76 -9.05 -15.42 -11.19
CA SER A 76 -9.12 -16.86 -11.39
C SER A 76 -10.46 -17.52 -11.06
N GLY A 77 -11.35 -16.80 -10.39
CA GLY A 77 -12.64 -17.37 -10.07
C GLY A 77 -13.63 -17.18 -11.20
N ILE A 78 -13.12 -16.79 -12.38
CA ILE A 78 -13.95 -16.54 -13.55
C ILE A 78 -14.55 -17.81 -14.16
N LEU A 79 -13.97 -18.96 -13.82
CA LEU A 79 -14.48 -20.22 -14.36
C LEU A 79 -15.78 -20.64 -13.69
N ASN A 80 -16.04 -20.14 -12.49
CA ASN A 80 -17.27 -20.46 -11.78
C ASN A 80 -18.36 -19.50 -12.25
N GLU A 81 -19.35 -20.05 -12.94
CA GLU A 81 -20.44 -19.26 -13.50
C GLU A 81 -21.20 -18.37 -12.51
N ASP A 82 -21.37 -18.82 -11.29
CA ASP A 82 -22.10 -18.03 -10.29
C ASP A 82 -21.18 -17.12 -9.46
N THR A 83 -20.10 -16.66 -10.07
CA THR A 83 -19.14 -15.81 -9.38
C THR A 83 -18.90 -14.48 -10.09
N THR A 84 -19.00 -13.40 -9.34
CA THR A 84 -18.78 -12.07 -9.92
C THR A 84 -17.34 -11.64 -9.65
N CYS A 85 -16.52 -11.59 -10.69
CA CYS A 85 -15.13 -11.19 -10.57
C CYS A 85 -15.00 -9.67 -10.48
N VAL A 86 -14.09 -9.20 -9.63
CA VAL A 86 -13.88 -7.77 -9.46
C VAL A 86 -12.41 -7.38 -9.60
N ILE A 87 -12.15 -6.39 -10.42
CA ILE A 87 -10.79 -5.89 -10.62
C ILE A 87 -10.68 -4.62 -9.79
N GLY A 88 -10.02 -4.74 -8.64
CA GLY A 88 -9.85 -3.62 -7.73
C GLY A 88 -9.16 -2.37 -8.22
N ASN A 89 -9.12 -1.36 -7.36
CA ASN A 89 -8.50 -0.07 -7.65
C ASN A 89 -6.97 -0.05 -7.63
N GLY A 90 -6.37 -1.03 -6.98
CA GLY A 90 -4.92 -1.09 -6.91
C GLY A 90 -4.31 -1.66 -8.18
N VAL A 91 -5.18 -2.17 -9.05
CA VAL A 91 -4.75 -2.77 -10.31
C VAL A 91 -4.42 -1.71 -11.37
N VAL A 92 -3.67 -2.11 -12.39
CA VAL A 92 -3.29 -1.23 -13.50
C VAL A 92 -3.71 -1.88 -14.82
N VAL A 93 -4.99 -1.73 -15.17
CA VAL A 93 -5.55 -2.32 -16.37
C VAL A 93 -5.09 -1.76 -17.72
N HIS A 94 -4.70 -2.68 -18.60
CA HIS A 94 -4.29 -2.36 -19.96
C HIS A 94 -5.47 -2.84 -20.80
N LEU A 95 -6.39 -1.92 -21.09
CA LEU A 95 -7.59 -2.23 -21.85
C LEU A 95 -7.46 -3.13 -23.09
N PRO A 96 -6.47 -2.87 -23.96
CA PRO A 96 -6.31 -3.70 -25.15
C PRO A 96 -6.14 -5.17 -24.78
N GLY A 97 -5.35 -5.42 -23.74
CA GLY A 97 -5.11 -6.77 -23.29
C GLY A 97 -6.31 -7.38 -22.57
N LEU A 98 -6.99 -6.55 -21.78
CA LEU A 98 -8.16 -7.02 -21.03
C LEU A 98 -9.28 -7.54 -21.93
N PHE A 99 -9.54 -6.82 -23.01
CA PHE A 99 -10.59 -7.23 -23.95
C PHE A 99 -10.16 -8.45 -24.72
N LYS A 100 -8.90 -8.47 -25.15
CA LYS A 100 -8.38 -9.61 -25.88
C LYS A 100 -8.54 -10.87 -25.02
N GLU A 101 -8.36 -10.68 -23.71
CA GLU A 101 -8.50 -11.77 -22.76
C GLU A 101 -9.96 -12.17 -22.63
N ILE A 102 -10.84 -11.18 -22.54
CA ILE A 102 -12.28 -11.44 -22.42
C ILE A 102 -12.81 -12.08 -23.70
N ASP A 103 -12.24 -11.71 -24.84
CA ASP A 103 -12.64 -12.24 -26.13
C ASP A 103 -12.34 -13.73 -26.23
N GLY A 104 -11.07 -14.08 -26.01
CA GLY A 104 -10.66 -15.48 -26.07
C GLY A 104 -11.16 -16.29 -24.90
N LEU A 105 -11.81 -15.62 -23.95
CA LEU A 105 -12.34 -16.31 -22.79
C LEU A 105 -13.77 -16.75 -23.07
N GLU A 106 -14.54 -15.86 -23.71
CA GLU A 106 -15.92 -16.15 -24.04
C GLU A 106 -16.02 -17.12 -25.20
N SER A 107 -15.03 -17.10 -26.09
CA SER A 107 -15.01 -18.00 -27.24
C SER A 107 -14.72 -19.42 -26.74
N ASN A 108 -14.15 -19.50 -25.54
CA ASN A 108 -13.83 -20.78 -24.94
C ASN A 108 -14.92 -21.25 -23.97
N GLY A 109 -16.08 -20.61 -24.03
CA GLY A 109 -17.19 -21.00 -23.18
C GLY A 109 -17.67 -20.06 -22.09
N VAL A 110 -16.77 -19.59 -21.24
CA VAL A 110 -17.11 -18.70 -20.14
C VAL A 110 -17.72 -17.38 -20.57
N SER A 111 -18.95 -17.10 -20.13
CA SER A 111 -19.60 -15.84 -20.48
C SER A 111 -19.31 -14.74 -19.47
N CYS A 112 -18.49 -13.77 -19.88
CA CYS A 112 -18.08 -12.66 -19.02
C CYS A 112 -19.06 -11.49 -18.91
N LYS A 113 -20.22 -11.59 -19.54
CA LYS A 113 -21.20 -10.52 -19.49
C LYS A 113 -21.75 -10.27 -18.10
N GLY A 114 -21.47 -9.08 -17.57
CA GLY A 114 -21.95 -8.72 -16.25
C GLY A 114 -21.34 -9.50 -15.09
N ARG A 115 -20.13 -10.01 -15.30
CA ARG A 115 -19.45 -10.79 -14.26
C ARG A 115 -18.07 -10.22 -13.93
N ILE A 116 -17.54 -9.38 -14.81
CA ILE A 116 -16.24 -8.76 -14.59
C ILE A 116 -16.46 -7.28 -14.28
N LEU A 117 -16.33 -6.91 -13.00
CA LEU A 117 -16.52 -5.53 -12.57
C LEU A 117 -15.18 -4.81 -12.49
N VAL A 118 -14.97 -3.83 -13.38
CA VAL A 118 -13.73 -3.06 -13.39
C VAL A 118 -13.85 -1.74 -12.63
N SER A 119 -13.05 -1.60 -11.59
CA SER A 119 -13.01 -0.39 -10.76
C SER A 119 -12.76 0.87 -11.55
N ASP A 120 -13.47 1.93 -11.18
CA ASP A 120 -13.32 3.22 -11.84
C ASP A 120 -12.11 3.98 -11.30
N ARG A 121 -11.62 3.56 -10.12
CA ARG A 121 -10.46 4.19 -9.50
C ARG A 121 -9.14 3.56 -9.92
N ALA A 122 -9.22 2.46 -10.68
CA ALA A 122 -8.03 1.76 -11.15
C ALA A 122 -7.33 2.60 -12.23
N HIS A 123 -6.01 2.46 -12.35
CA HIS A 123 -5.27 3.22 -13.35
C HIS A 123 -5.16 2.48 -14.69
N LEU A 124 -5.05 3.24 -15.77
CA LEU A 124 -4.95 2.65 -17.10
C LEU A 124 -3.52 2.52 -17.59
N LEU A 125 -3.11 1.29 -17.86
CA LEU A 125 -1.78 1.02 -18.39
C LEU A 125 -1.88 1.26 -19.89
N PHE A 126 -1.22 2.30 -20.38
CA PHE A 126 -1.27 2.63 -21.79
C PHE A 126 -0.17 1.97 -22.61
N ASP A 127 -0.37 1.98 -23.93
CA ASP A 127 0.57 1.39 -24.87
C ASP A 127 1.94 2.05 -24.77
N PHE A 128 1.94 3.34 -24.44
CA PHE A 128 3.19 4.07 -24.32
C PHE A 128 3.93 3.62 -23.06
N HIS A 129 3.18 3.20 -22.04
CA HIS A 129 3.77 2.73 -20.80
C HIS A 129 4.67 1.52 -21.03
N GLN A 130 4.25 0.68 -21.98
CA GLN A 130 4.99 -0.54 -22.33
C GLN A 130 6.24 -0.22 -23.16
N GLU A 131 6.14 0.74 -24.06
CA GLU A 131 7.25 1.13 -24.91
C GLU A 131 8.32 1.84 -24.06
N VAL A 132 7.84 2.65 -23.11
CA VAL A 132 8.71 3.40 -22.21
C VAL A 132 9.49 2.47 -21.29
N ASP A 133 8.80 1.49 -20.73
CA ASP A 133 9.40 0.51 -19.82
C ASP A 133 10.59 -0.17 -20.48
N GLY A 134 10.40 -0.60 -21.72
CA GLY A 134 11.46 -1.27 -22.45
C GLY A 134 12.63 -0.38 -22.81
N LEU A 135 12.38 0.92 -22.92
CA LEU A 135 13.44 1.87 -23.27
C LEU A 135 14.43 2.08 -22.13
N ARG A 136 14.01 1.75 -20.91
CA ARG A 136 14.87 1.92 -19.74
C ARG A 136 15.78 0.72 -19.47
N GLU A 137 15.42 -0.44 -20.01
CA GLU A 137 16.24 -1.65 -19.81
C GLU A 137 17.40 -1.71 -20.81
N SER A 138 17.15 -1.27 -22.04
CA SER A 138 18.18 -1.27 -23.09
C SER A 138 19.18 -0.14 -22.87
N GLU A 139 18.71 0.90 -22.17
CA GLU A 139 19.53 2.06 -21.85
C GLU A 139 20.49 1.70 -20.71
N LEU A 140 20.03 0.83 -19.81
CA LEU A 140 20.82 0.39 -18.67
C LEU A 140 21.93 -0.58 -19.07
N ALA A 141 23.05 -0.50 -18.36
CA ALA A 141 24.19 -1.37 -18.62
C ALA A 141 24.27 -2.47 -17.55
N LYS A 142 24.87 -3.60 -17.91
CA LYS A 142 25.03 -4.75 -17.01
C LYS A 142 23.73 -5.38 -16.50
N SER A 143 23.51 -5.32 -15.19
CA SER A 143 22.33 -5.90 -14.55
C SER A 143 20.99 -5.27 -14.97
N PHE A 144 20.10 -6.11 -15.50
CA PHE A 144 18.76 -5.69 -15.93
C PHE A 144 17.73 -6.15 -14.91
N ILE A 145 16.47 -6.24 -15.33
CA ILE A 145 15.40 -6.68 -14.43
C ILE A 145 14.87 -8.05 -14.85
N GLY A 146 14.68 -8.23 -16.15
CA GLY A 146 14.17 -9.49 -16.68
C GLY A 146 12.69 -9.46 -17.03
N THR A 147 12.09 -8.27 -17.02
CA THR A 147 10.66 -8.10 -17.34
C THR A 147 10.39 -8.20 -18.85
N THR A 148 9.20 -8.70 -19.20
CA THR A 148 8.79 -8.86 -20.59
C THR A 148 8.39 -7.55 -21.28
N LYS A 149 8.61 -6.44 -20.57
CA LYS A 149 8.29 -5.09 -21.06
C LYS A 149 6.78 -4.85 -21.08
N ARG A 150 6.11 -5.16 -19.97
CA ARG A 150 4.66 -4.97 -19.86
C ARG A 150 4.32 -3.58 -19.32
N GLY A 151 5.32 -2.88 -18.81
CA GLY A 151 5.12 -1.53 -18.30
C GLY A 151 4.40 -1.33 -16.97
N ILE A 152 4.54 -2.28 -16.06
CA ILE A 152 3.90 -2.19 -14.76
C ILE A 152 4.49 -1.04 -13.96
N GLY A 153 5.82 -0.93 -13.98
CA GLY A 153 6.50 0.13 -13.26
C GLY A 153 6.01 1.51 -13.66
N PRO A 154 6.14 1.89 -14.93
CA PRO A 154 5.71 3.19 -15.41
C PRO A 154 4.26 3.51 -15.10
N ALA A 155 3.41 2.49 -15.06
CA ALA A 155 1.99 2.66 -14.76
C ALA A 155 1.80 3.22 -13.35
N TYR A 156 2.49 2.61 -12.39
CA TYR A 156 2.41 3.05 -11.00
C TYR A 156 3.17 4.37 -10.83
N SER A 157 4.17 4.57 -11.68
CA SER A 157 4.98 5.79 -11.65
C SER A 157 4.04 6.98 -11.83
N SER A 158 3.26 6.95 -12.91
CA SER A 158 2.30 8.00 -13.23
C SER A 158 1.26 8.14 -12.12
N LYS A 159 0.85 7.01 -11.54
CA LYS A 159 -0.13 7.02 -10.46
C LYS A 159 0.42 7.80 -9.28
N VAL A 160 1.67 7.53 -8.94
CA VAL A 160 2.34 8.21 -7.84
C VAL A 160 2.50 9.68 -8.19
N ILE A 161 2.93 9.94 -9.43
CA ILE A 161 3.12 11.30 -9.93
C ILE A 161 1.78 12.01 -10.02
N ARG A 162 0.70 11.24 -9.92
CA ARG A 162 -0.66 11.77 -9.97
C ARG A 162 -1.09 12.33 -11.33
N ASN A 163 -0.33 12.07 -12.38
CA ASN A 163 -0.71 12.53 -13.70
C ASN A 163 -1.26 11.39 -14.56
N GLY A 164 -1.38 10.21 -13.95
CA GLY A 164 -1.89 9.04 -14.64
C GLY A 164 -3.39 9.06 -14.81
N ILE A 165 -3.88 8.50 -15.91
CA ILE A 165 -5.31 8.46 -16.21
C ILE A 165 -5.98 7.23 -15.61
N ARG A 166 -7.10 7.43 -14.94
CA ARG A 166 -7.84 6.33 -14.33
C ARG A 166 -8.97 5.82 -15.23
N VAL A 167 -9.58 4.72 -14.83
CA VAL A 167 -10.67 4.12 -15.60
C VAL A 167 -11.88 5.04 -15.69
N GLY A 168 -12.22 5.68 -14.58
CA GLY A 168 -13.36 6.59 -14.55
C GLY A 168 -13.19 7.86 -15.38
N ASP A 169 -11.96 8.11 -15.81
CA ASP A 169 -11.65 9.29 -16.62
C ASP A 169 -12.08 9.09 -18.07
N LEU A 170 -12.51 7.87 -18.40
CA LEU A 170 -12.96 7.54 -19.75
C LEU A 170 -14.38 8.05 -20.02
N ARG A 171 -15.08 8.42 -18.95
CA ARG A 171 -16.44 8.94 -19.06
C ARG A 171 -16.45 10.43 -19.42
N HIS A 172 -15.26 11.02 -19.53
CA HIS A 172 -15.10 12.42 -19.89
C HIS A 172 -14.14 12.47 -21.06
N MET A 173 -14.65 12.11 -22.23
CA MET A 173 -13.85 12.08 -23.45
C MET A 173 -13.36 13.44 -23.89
N ASP A 174 -14.04 14.49 -23.42
CA ASP A 174 -13.69 15.87 -23.74
C ASP A 174 -12.35 16.29 -23.14
N THR A 175 -12.02 15.74 -21.97
CA THR A 175 -10.77 16.05 -21.30
C THR A 175 -9.72 14.97 -21.49
N LEU A 176 -10.16 13.76 -21.85
CA LEU A 176 -9.25 12.64 -22.03
C LEU A 176 -8.04 12.95 -22.91
N PRO A 177 -8.24 13.61 -24.07
CA PRO A 177 -7.10 13.92 -24.94
C PRO A 177 -6.09 14.88 -24.30
N GLN A 178 -6.57 15.65 -23.33
CA GLN A 178 -5.73 16.59 -22.60
C GLN A 178 -4.78 15.80 -21.69
N LYS A 179 -5.35 14.87 -20.94
CA LYS A 179 -4.58 14.02 -20.03
C LYS A 179 -3.52 13.26 -20.83
N LEU A 180 -3.94 12.69 -21.95
CA LEU A 180 -3.06 11.93 -22.82
C LEU A 180 -1.79 12.71 -23.19
N ASP A 181 -1.99 13.94 -23.65
CA ASP A 181 -0.89 14.81 -24.05
C ASP A 181 0.20 14.92 -22.98
N LEU A 182 -0.22 15.13 -21.73
CA LEU A 182 0.71 15.25 -20.61
C LEU A 182 1.55 13.99 -20.43
N LEU A 183 0.88 12.85 -20.32
CA LEU A 183 1.55 11.58 -20.14
C LEU A 183 2.54 11.32 -21.27
N LEU A 184 2.11 11.59 -22.50
CA LEU A 184 2.95 11.39 -23.67
C LEU A 184 4.09 12.40 -23.72
N SER A 185 3.82 13.60 -23.22
CA SER A 185 4.81 14.66 -23.18
C SER A 185 5.91 14.25 -22.19
N ASP A 186 5.48 13.77 -21.03
CA ASP A 186 6.38 13.31 -19.97
C ASP A 186 7.27 12.22 -20.55
N ALA A 187 6.66 11.28 -21.26
CA ALA A 187 7.36 10.16 -21.87
C ALA A 187 8.35 10.59 -22.95
N ALA A 188 7.96 11.55 -23.77
CA ALA A 188 8.82 12.05 -24.84
C ALA A 188 9.98 12.90 -24.31
N ALA A 189 9.70 13.71 -23.31
CA ALA A 189 10.70 14.57 -22.70
C ALA A 189 11.80 13.75 -22.03
N ARG A 190 11.38 12.63 -21.44
CA ARG A 190 12.30 11.73 -20.75
C ARG A 190 13.16 10.93 -21.73
N PHE A 191 12.54 10.07 -22.52
CA PHE A 191 13.25 9.24 -23.48
C PHE A 191 13.25 9.79 -24.91
N GLN A 192 14.45 10.00 -25.44
CA GLN A 192 14.64 10.50 -26.79
C GLN A 192 14.25 9.45 -27.83
N GLY A 193 14.29 8.18 -27.42
CA GLY A 193 13.95 7.09 -28.32
C GLY A 193 12.46 6.98 -28.56
N PHE A 194 11.67 7.64 -27.69
CA PHE A 194 10.21 7.60 -27.80
C PHE A 194 9.69 8.41 -29.00
N LYS A 195 9.23 7.68 -30.02
CA LYS A 195 8.70 8.29 -31.24
C LYS A 195 7.33 8.91 -30.95
N TYR A 196 7.33 10.21 -30.68
CA TYR A 196 6.08 10.91 -30.37
C TYR A 196 5.66 11.89 -31.47
N THR A 197 4.46 11.68 -31.99
CA THR A 197 3.91 12.54 -33.04
C THR A 197 2.49 12.97 -32.66
N PRO A 198 2.05 14.13 -33.17
CA PRO A 198 0.70 14.64 -32.88
C PRO A 198 -0.35 13.69 -33.47
N GLU A 199 0.10 12.84 -34.37
CA GLU A 199 -0.76 11.87 -35.03
C GLU A 199 -1.00 10.65 -34.15
N MET A 200 0.03 10.25 -33.40
CA MET A 200 -0.09 9.10 -32.49
C MET A 200 -0.92 9.45 -31.27
N LEU A 201 -1.13 10.74 -31.05
CA LEU A 201 -1.93 11.21 -29.92
C LEU A 201 -3.39 10.94 -30.28
N ARG A 202 -3.78 11.39 -31.46
CA ARG A 202 -5.14 11.22 -31.95
C ARG A 202 -5.43 9.74 -32.17
N GLU A 203 -4.37 8.95 -32.36
CA GLU A 203 -4.48 7.51 -32.57
C GLU A 203 -5.10 6.84 -31.35
N GLU A 204 -4.45 7.02 -30.20
CA GLU A 204 -4.93 6.42 -28.96
C GLU A 204 -6.21 7.07 -28.44
N VAL A 205 -6.47 8.30 -28.89
CA VAL A 205 -7.66 9.02 -28.47
C VAL A 205 -8.91 8.34 -29.04
N GLU A 206 -8.88 8.07 -30.33
CA GLU A 206 -10.00 7.42 -31.00
C GLU A 206 -10.07 5.97 -30.56
N ALA A 207 -8.91 5.35 -30.36
CA ALA A 207 -8.82 3.97 -29.93
C ALA A 207 -9.46 3.77 -28.56
N TYR A 208 -9.03 4.59 -27.60
CA TYR A 208 -9.55 4.52 -26.24
C TYR A 208 -11.00 4.97 -26.10
N LYS A 209 -11.51 5.63 -27.14
CA LYS A 209 -12.89 6.08 -27.13
C LYS A 209 -13.73 4.81 -27.33
N ARG A 210 -13.25 3.95 -28.22
CA ARG A 210 -13.93 2.69 -28.52
C ARG A 210 -13.87 1.83 -27.25
N TYR A 211 -12.71 1.83 -26.61
CA TYR A 211 -12.50 1.07 -25.38
C TYR A 211 -13.40 1.60 -24.28
N ALA A 212 -13.61 2.90 -24.27
CA ALA A 212 -14.44 3.54 -23.28
C ALA A 212 -15.90 3.12 -23.40
N ASP A 213 -16.38 3.06 -24.64
CA ASP A 213 -17.77 2.68 -24.91
C ASP A 213 -18.01 1.21 -24.58
N ARG A 214 -17.02 0.38 -24.91
CA ARG A 214 -17.07 -1.05 -24.67
C ARG A 214 -16.95 -1.38 -23.18
N LEU A 215 -16.00 -0.71 -22.52
CA LEU A 215 -15.75 -0.92 -21.09
C LEU A 215 -16.83 -0.36 -20.17
N GLU A 216 -17.60 0.59 -20.67
CA GLU A 216 -18.64 1.26 -19.91
C GLU A 216 -19.46 0.36 -18.97
N PRO A 217 -20.04 -0.74 -19.50
CA PRO A 217 -20.83 -1.64 -18.66
C PRO A 217 -20.06 -2.24 -17.49
N TYR A 218 -18.78 -2.51 -17.71
CA TYR A 218 -17.90 -3.09 -16.70
C TYR A 218 -17.59 -2.14 -15.54
N ILE A 219 -17.27 -0.90 -15.86
CA ILE A 219 -16.92 0.12 -14.88
C ILE A 219 -17.93 0.22 -13.74
N THR A 220 -17.45 0.00 -12.52
CA THR A 220 -18.29 0.10 -11.34
C THR A 220 -17.46 0.55 -10.15
N ASP A 221 -18.12 1.13 -9.15
CA ASP A 221 -17.46 1.60 -7.95
C ASP A 221 -17.09 0.37 -7.11
N THR A 222 -15.84 -0.05 -7.27
CA THR A 222 -15.30 -1.21 -6.58
C THR A 222 -15.39 -1.09 -5.07
N VAL A 223 -14.92 0.04 -4.54
CA VAL A 223 -14.93 0.29 -3.11
C VAL A 223 -16.32 0.12 -2.52
N HIS A 224 -17.28 0.80 -3.13
CA HIS A 224 -18.66 0.72 -2.66
C HIS A 224 -19.19 -0.71 -2.81
N PHE A 225 -19.03 -1.28 -3.99
CA PHE A 225 -19.50 -2.63 -4.24
C PHE A 225 -19.02 -3.63 -3.21
N ILE A 226 -17.71 -3.72 -3.04
CA ILE A 226 -17.12 -4.66 -2.10
C ILE A 226 -17.68 -4.45 -0.70
N ASN A 227 -17.60 -3.22 -0.21
CA ASN A 227 -18.08 -2.91 1.14
C ASN A 227 -19.55 -3.19 1.34
N ASP A 228 -20.37 -2.80 0.38
CA ASP A 228 -21.81 -3.01 0.46
C ASP A 228 -22.09 -4.51 0.47
N SER A 229 -21.41 -5.23 -0.42
CA SER A 229 -21.57 -6.67 -0.53
C SER A 229 -21.22 -7.34 0.80
N ILE A 230 -20.13 -6.89 1.41
CA ILE A 230 -19.66 -7.44 2.66
C ILE A 230 -20.67 -7.29 3.80
N SER A 231 -21.29 -6.13 3.93
CA SER A 231 -22.28 -5.96 4.99
C SER A 231 -23.51 -6.82 4.68
N GLN A 232 -23.71 -7.11 3.40
CA GLN A 232 -24.82 -7.93 2.93
C GLN A 232 -24.53 -9.41 3.14
N LYS A 233 -23.42 -9.69 3.80
CA LYS A 233 -22.98 -11.06 4.12
C LYS A 233 -22.54 -11.89 2.92
N LYS A 234 -22.12 -11.24 1.85
CA LYS A 234 -21.65 -11.95 0.67
C LYS A 234 -20.19 -12.37 0.88
N LYS A 235 -19.84 -13.55 0.38
CA LYS A 235 -18.47 -14.07 0.53
C LYS A 235 -17.50 -13.45 -0.47
N VAL A 236 -16.35 -13.00 0.02
CA VAL A 236 -15.35 -12.38 -0.83
C VAL A 236 -13.98 -13.05 -0.73
N LEU A 237 -13.47 -13.55 -1.85
CA LEU A 237 -12.17 -14.17 -1.87
C LEU A 237 -11.21 -13.29 -2.65
N VAL A 238 -10.28 -12.66 -1.94
CA VAL A 238 -9.31 -11.80 -2.58
C VAL A 238 -8.24 -12.65 -3.25
N GLU A 239 -7.85 -12.28 -4.45
CA GLU A 239 -6.82 -13.01 -5.18
C GLU A 239 -5.52 -12.23 -5.18
N GLY A 240 -4.49 -12.86 -4.62
CA GLY A 240 -3.18 -12.24 -4.55
C GLY A 240 -2.51 -12.21 -5.90
N GLY A 241 -1.98 -11.05 -6.26
CA GLY A 241 -1.31 -10.90 -7.53
C GLY A 241 -0.13 -11.84 -7.64
N GLN A 242 0.92 -11.56 -6.88
CA GLN A 242 2.11 -12.39 -6.89
C GLN A 242 2.51 -12.72 -5.47
N ALA A 243 3.79 -13.02 -5.26
CA ALA A 243 4.28 -13.37 -3.93
C ALA A 243 4.90 -12.19 -3.21
N THR A 244 4.95 -12.27 -1.87
CA THR A 244 5.49 -11.21 -1.03
C THR A 244 6.99 -10.97 -1.17
N MET A 245 7.74 -11.95 -1.65
CA MET A 245 9.17 -11.73 -1.81
C MET A 245 9.40 -10.85 -3.04
N LEU A 246 8.30 -10.51 -3.71
CA LEU A 246 8.33 -9.66 -4.89
C LEU A 246 7.61 -8.35 -4.58
N ASP A 247 7.33 -8.13 -3.29
CA ASP A 247 6.68 -6.92 -2.82
C ASP A 247 7.64 -5.74 -2.95
N ILE A 248 7.10 -4.59 -3.33
CA ILE A 248 7.88 -3.37 -3.50
C ILE A 248 8.61 -2.95 -2.22
N ASP A 249 8.04 -3.32 -1.07
CA ASP A 249 8.62 -3.00 0.22
C ASP A 249 9.34 -4.18 0.89
N PHE A 250 8.59 -5.24 1.12
CA PHE A 250 9.11 -6.42 1.80
C PHE A 250 9.86 -7.43 0.93
N GLY A 251 9.98 -7.15 -0.36
CA GLY A 251 10.69 -8.06 -1.24
C GLY A 251 12.20 -7.89 -1.26
N THR A 252 12.82 -8.36 -2.34
CA THR A 252 14.26 -8.27 -2.50
C THR A 252 14.63 -7.11 -3.44
N TYR A 253 14.22 -5.91 -3.04
CA TYR A 253 14.46 -4.69 -3.80
C TYR A 253 15.92 -4.62 -4.28
N PRO A 254 16.15 -4.17 -5.52
CA PRO A 254 15.20 -3.71 -6.55
C PRO A 254 14.61 -4.82 -7.43
N PHE A 255 14.79 -6.07 -7.03
CA PHE A 255 14.27 -7.18 -7.82
C PHE A 255 12.90 -7.64 -7.35
N VAL A 256 11.94 -6.73 -7.43
CA VAL A 256 10.56 -6.99 -7.03
C VAL A 256 9.64 -6.27 -7.99
N THR A 257 8.34 -6.43 -7.83
CA THR A 257 7.40 -5.73 -8.70
C THR A 257 7.05 -4.37 -8.08
N SER A 258 6.36 -3.53 -8.85
CA SER A 258 5.98 -2.20 -8.38
C SER A 258 4.78 -2.16 -7.45
N SER A 259 4.09 -3.29 -7.29
CA SER A 259 2.92 -3.33 -6.42
C SER A 259 3.17 -3.95 -5.05
N SER A 260 2.09 -4.20 -4.32
CA SER A 260 2.19 -4.80 -2.99
C SER A 260 1.45 -6.13 -2.88
N PRO A 261 2.12 -7.23 -3.24
CA PRO A 261 1.54 -8.57 -3.17
C PRO A 261 1.23 -9.01 -1.74
N SER A 262 1.60 -8.16 -0.78
CA SER A 262 1.37 -8.41 0.65
C SER A 262 -0.09 -8.33 1.01
N ALA A 263 -0.38 -8.62 2.27
CA ALA A 263 -1.74 -8.57 2.78
C ALA A 263 -2.25 -7.14 2.77
N GLY A 264 -1.33 -6.19 2.95
CA GLY A 264 -1.69 -4.78 2.94
C GLY A 264 -2.31 -4.40 1.61
N GLY A 265 -1.80 -4.97 0.53
CA GLY A 265 -2.30 -4.68 -0.80
C GLY A 265 -3.78 -5.00 -0.97
N ILE A 266 -4.30 -5.86 -0.11
CA ILE A 266 -5.70 -6.21 -0.13
C ILE A 266 -6.50 -5.00 0.30
N CYS A 267 -5.97 -4.28 1.30
CA CYS A 267 -6.61 -3.09 1.83
C CYS A 267 -6.46 -1.88 0.93
N THR A 268 -5.24 -1.59 0.50
CA THR A 268 -5.02 -0.44 -0.36
C THR A 268 -5.52 -0.66 -1.79
N GLY A 269 -5.67 -1.92 -2.17
CA GLY A 269 -6.12 -2.22 -3.52
C GLY A 269 -7.61 -2.51 -3.65
N LEU A 270 -8.33 -2.50 -2.54
CA LEU A 270 -9.76 -2.79 -2.57
C LEU A 270 -10.63 -1.86 -1.72
N GLY A 271 -10.03 -1.21 -0.74
CA GLY A 271 -10.78 -0.33 0.14
C GLY A 271 -11.38 -1.12 1.29
N ILE A 272 -10.69 -2.18 1.69
CA ILE A 272 -11.15 -3.01 2.79
C ILE A 272 -10.33 -2.70 4.02
N ALA A 273 -11.00 -2.50 5.15
CA ALA A 273 -10.32 -2.22 6.41
C ALA A 273 -9.62 -3.48 6.87
N PRO A 274 -8.45 -3.34 7.52
CA PRO A 274 -7.69 -4.49 8.01
C PRO A 274 -8.52 -5.38 8.92
N SER A 275 -9.39 -4.76 9.71
CA SER A 275 -10.25 -5.48 10.64
C SER A 275 -11.30 -6.32 9.92
N VAL A 276 -11.54 -5.99 8.65
CA VAL A 276 -12.52 -6.71 7.83
C VAL A 276 -11.92 -7.94 7.15
N VAL A 277 -10.63 -7.85 6.82
CA VAL A 277 -9.92 -8.95 6.16
C VAL A 277 -9.85 -10.20 7.03
N GLY A 278 -10.41 -11.29 6.51
CA GLY A 278 -10.43 -12.55 7.23
C GLY A 278 -9.19 -13.40 7.05
N ASP A 279 -9.38 -14.71 7.06
CA ASP A 279 -8.29 -15.68 6.92
C ASP A 279 -7.55 -15.61 5.61
N LEU A 280 -6.23 -15.49 5.70
CA LEU A 280 -5.38 -15.43 4.52
C LEU A 280 -4.65 -16.74 4.33
N ILE A 281 -4.69 -17.27 3.12
CA ILE A 281 -4.02 -18.53 2.81
C ILE A 281 -2.74 -18.30 2.03
N GLY A 282 -1.63 -18.77 2.58
CA GLY A 282 -0.35 -18.62 1.93
C GLY A 282 -0.01 -19.80 1.05
N VAL A 283 0.16 -19.54 -0.24
CA VAL A 283 0.50 -20.57 -1.18
C VAL A 283 2.02 -20.77 -1.23
N VAL A 284 2.49 -21.88 -0.69
CA VAL A 284 3.91 -22.19 -0.69
C VAL A 284 4.22 -23.40 -1.53
N LYS A 285 5.23 -23.27 -2.37
CA LYS A 285 5.65 -24.36 -3.22
C LYS A 285 6.44 -25.32 -2.33
N ALA A 286 6.48 -26.59 -2.70
CA ALA A 286 7.21 -27.60 -1.93
C ALA A 286 8.71 -27.31 -1.96
N TYR A 287 9.09 -26.34 -2.77
CA TYR A 287 10.46 -25.89 -2.92
C TYR A 287 10.36 -24.43 -3.33
N THR A 288 11.42 -23.87 -3.92
CA THR A 288 11.36 -22.48 -4.34
C THR A 288 11.86 -22.24 -5.76
N THR A 289 11.34 -21.18 -6.37
CA THR A 289 11.73 -20.79 -7.72
C THR A 289 11.87 -19.29 -7.77
N ARG A 290 12.43 -18.80 -8.88
CA ARG A 290 12.61 -17.37 -9.10
C ARG A 290 12.80 -17.19 -10.60
N VAL A 291 11.87 -16.49 -11.23
CA VAL A 291 11.93 -16.26 -12.67
C VAL A 291 13.09 -15.38 -13.14
N GLY A 292 13.18 -14.16 -12.63
CA GLY A 292 14.25 -13.26 -13.03
C GLY A 292 15.55 -13.45 -12.27
N SER A 293 16.40 -12.43 -12.29
CA SER A 293 17.68 -12.49 -11.56
C SER A 293 17.53 -11.78 -10.21
N GLY A 294 18.52 -11.96 -9.35
CA GLY A 294 18.47 -11.35 -8.04
C GLY A 294 18.82 -12.32 -6.93
N PRO A 295 18.68 -11.91 -5.67
CA PRO A 295 18.98 -12.75 -4.50
C PRO A 295 18.13 -14.01 -4.40
N PHE A 296 18.79 -15.16 -4.33
CA PHE A 296 18.12 -16.45 -4.22
C PHE A 296 19.04 -17.32 -3.37
N PRO A 297 18.92 -17.20 -2.05
CA PRO A 297 19.71 -17.94 -1.06
C PRO A 297 19.80 -19.45 -1.25
N THR A 298 18.64 -20.08 -1.43
CA THR A 298 18.55 -21.53 -1.60
C THR A 298 18.73 -22.06 -3.02
N GLU A 299 19.14 -21.19 -3.95
CA GLU A 299 19.33 -21.60 -5.34
C GLU A 299 20.27 -22.79 -5.43
N ASN A 300 19.87 -23.75 -6.25
CA ASN A 300 20.64 -24.98 -6.46
C ASN A 300 21.14 -25.02 -7.91
N LEU A 301 22.42 -24.73 -8.11
CA LEU A 301 23.00 -24.72 -9.45
C LEU A 301 23.44 -26.10 -9.94
N GLY A 302 23.16 -27.14 -9.14
CA GLY A 302 23.55 -28.48 -9.52
C GLY A 302 22.44 -29.34 -10.07
N THR A 303 22.67 -30.64 -10.05
CA THR A 303 21.70 -31.62 -10.54
C THR A 303 20.44 -31.66 -9.68
N GLY A 304 20.56 -31.19 -8.45
CA GLY A 304 19.41 -31.17 -7.55
C GLY A 304 18.35 -30.19 -8.05
N GLY A 305 18.84 -29.07 -8.60
CA GLY A 305 17.97 -28.05 -9.14
C GLY A 305 17.44 -28.50 -10.49
N ASP A 306 18.29 -29.19 -11.25
CA ASP A 306 17.92 -29.70 -12.56
C ASP A 306 16.71 -30.63 -12.44
N LEU A 307 16.79 -31.59 -11.52
CA LEU A 307 15.72 -32.55 -11.29
C LEU A 307 14.46 -31.89 -10.77
N LEU A 308 14.66 -30.87 -9.95
CA LEU A 308 13.59 -30.11 -9.34
C LEU A 308 12.83 -29.32 -10.39
N ARG A 309 13.57 -28.77 -11.35
CA ARG A 309 12.99 -28.00 -12.44
C ARG A 309 12.15 -28.86 -13.38
N LEU A 310 12.72 -29.99 -13.81
CA LEU A 310 12.06 -30.90 -14.71
C LEU A 310 10.75 -31.46 -14.17
N ALA A 311 10.76 -31.93 -12.93
CA ALA A 311 9.56 -32.49 -12.33
C ALA A 311 8.48 -31.43 -12.08
N GLY A 312 8.90 -30.17 -12.02
CA GLY A 312 7.96 -29.08 -11.77
C GLY A 312 7.54 -28.35 -13.04
N GLN A 313 8.28 -28.59 -14.13
CA GLN A 313 8.00 -27.94 -15.42
C GLN A 313 8.16 -26.43 -15.26
N GLU A 314 9.26 -26.05 -14.62
CA GLU A 314 9.58 -24.65 -14.37
C GLU A 314 10.26 -23.96 -15.56
N PHE A 315 9.45 -23.58 -16.54
CA PHE A 315 9.93 -22.90 -17.74
C PHE A 315 8.89 -21.84 -18.13
N GLY A 316 9.37 -20.70 -18.63
CA GLY A 316 8.47 -19.64 -19.03
C GLY A 316 7.44 -20.16 -20.02
N THR A 317 6.19 -19.77 -19.84
CA THR A 317 5.14 -20.22 -20.73
C THR A 317 5.24 -19.51 -22.08
N THR A 318 5.61 -18.24 -22.04
CA THR A 318 5.74 -17.44 -23.25
C THR A 318 7.12 -17.54 -23.87
N THR A 319 8.15 -17.70 -23.02
CA THR A 319 9.52 -17.78 -23.51
C THR A 319 10.16 -19.17 -23.52
N GLY A 320 9.76 -20.00 -22.56
CA GLY A 320 10.33 -21.33 -22.46
C GLY A 320 11.67 -21.30 -21.75
N ARG A 321 11.99 -20.16 -21.15
CA ARG A 321 13.25 -19.98 -20.43
C ARG A 321 13.27 -20.74 -19.11
N PRO A 322 14.41 -21.36 -18.77
CA PRO A 322 14.56 -22.13 -17.53
C PRO A 322 14.50 -21.22 -16.31
N ARG A 323 13.70 -21.63 -15.32
CA ARG A 323 13.57 -20.85 -14.11
C ARG A 323 14.53 -21.33 -13.04
N ARG A 324 14.99 -20.40 -12.19
CA ARG A 324 15.92 -20.72 -11.12
C ARG A 324 15.20 -21.58 -10.07
N CYS A 325 15.80 -22.71 -9.70
CA CYS A 325 15.19 -23.60 -8.72
C CYS A 325 16.03 -23.84 -7.47
N GLY A 326 15.36 -24.10 -6.35
CA GLY A 326 16.04 -24.35 -5.10
C GLY A 326 15.16 -25.03 -4.06
N TRP A 327 15.68 -25.18 -2.84
CA TRP A 327 14.94 -25.82 -1.76
C TRP A 327 14.02 -24.84 -1.06
N LEU A 328 12.98 -25.36 -0.43
CA LEU A 328 12.03 -24.52 0.28
C LEU A 328 12.77 -23.67 1.32
N ASP A 329 12.78 -22.37 1.12
CA ASP A 329 13.46 -21.45 2.03
C ASP A 329 12.56 -21.23 3.24
N ILE A 330 12.98 -21.74 4.39
CA ILE A 330 12.22 -21.59 5.62
C ILE A 330 12.37 -20.18 6.19
N VAL A 331 13.57 -19.63 6.07
CA VAL A 331 13.82 -18.28 6.56
C VAL A 331 12.93 -17.29 5.82
N ALA A 332 12.89 -17.42 4.49
CA ALA A 332 12.08 -16.57 3.64
C ALA A 332 10.59 -16.83 3.87
N LEU A 333 10.25 -18.07 4.20
CA LEU A 333 8.87 -18.43 4.43
C LEU A 333 8.33 -17.93 5.77
N LYS A 334 9.14 -17.97 6.82
CA LYS A 334 8.68 -17.48 8.13
C LYS A 334 8.47 -15.98 8.02
N PHE A 335 9.34 -15.33 7.25
CA PHE A 335 9.28 -13.91 7.02
C PHE A 335 7.93 -13.55 6.42
N SER A 336 7.62 -14.13 5.26
CA SER A 336 6.34 -13.85 4.60
C SER A 336 5.16 -14.18 5.50
N CYS A 337 5.32 -15.19 6.34
CA CYS A 337 4.24 -15.57 7.24
C CYS A 337 3.94 -14.52 8.30
N GLN A 338 4.97 -13.81 8.75
CA GLN A 338 4.75 -12.78 9.75
C GLN A 338 4.26 -11.48 9.11
N ILE A 339 4.69 -11.23 7.88
CA ILE A 339 4.30 -10.04 7.13
C ILE A 339 2.80 -10.05 6.83
N ASN A 340 2.30 -11.21 6.41
CA ASN A 340 0.91 -11.34 6.04
C ASN A 340 0.04 -11.97 7.13
N GLY A 341 0.69 -12.57 8.12
CA GLY A 341 -0.05 -13.20 9.20
C GLY A 341 -1.03 -14.24 8.67
N PHE A 342 -0.52 -15.22 7.96
CA PHE A 342 -1.35 -16.29 7.38
C PHE A 342 -2.03 -17.16 8.41
N ALA A 343 -3.24 -17.59 8.10
CA ALA A 343 -4.01 -18.47 8.99
C ALA A 343 -3.70 -19.91 8.61
N SER A 344 -3.64 -20.16 7.30
CA SER A 344 -3.36 -21.47 6.77
C SER A 344 -2.40 -21.34 5.60
N LEU A 345 -1.88 -22.47 5.15
CA LEU A 345 -0.95 -22.51 4.02
C LEU A 345 -1.40 -23.56 3.00
N ASN A 346 -0.96 -23.38 1.76
CA ASN A 346 -1.28 -24.31 0.70
C ASN A 346 0.05 -24.76 0.11
N LEU A 347 0.58 -25.86 0.62
CA LEU A 347 1.85 -26.38 0.14
C LEU A 347 1.58 -27.00 -1.22
N THR A 348 2.06 -26.32 -2.26
CA THR A 348 1.86 -26.78 -3.62
C THR A 348 3.04 -27.58 -4.18
N LYS A 349 2.82 -28.16 -5.36
CA LYS A 349 3.82 -28.95 -6.05
C LYS A 349 4.57 -29.98 -5.21
N LEU A 350 3.88 -30.60 -4.26
CA LEU A 350 4.53 -31.59 -3.42
C LEU A 350 5.02 -32.73 -4.30
N ASP A 351 4.17 -33.15 -5.24
CA ASP A 351 4.47 -34.23 -6.17
C ASP A 351 5.77 -34.09 -6.95
N VAL A 352 6.39 -32.91 -6.91
CA VAL A 352 7.64 -32.69 -7.62
C VAL A 352 8.82 -33.35 -6.91
N LEU A 353 8.66 -33.56 -5.60
CA LEU A 353 9.71 -34.18 -4.79
C LEU A 353 9.58 -35.70 -4.69
N SER A 354 8.64 -36.27 -5.46
CA SER A 354 8.41 -37.70 -5.44
C SER A 354 9.60 -38.55 -5.90
N ASP A 355 10.47 -37.96 -6.73
CA ASP A 355 11.61 -38.69 -7.25
C ASP A 355 12.87 -38.47 -6.42
N LEU A 356 12.80 -37.51 -5.48
CA LEU A 356 13.93 -37.20 -4.64
C LEU A 356 14.28 -38.19 -3.54
N ASN A 357 15.55 -38.57 -3.52
CA ASN A 357 16.13 -39.49 -2.55
C ASN A 357 16.07 -38.83 -1.16
N GLU A 358 16.53 -37.58 -1.09
CA GLU A 358 16.53 -36.78 0.14
C GLU A 358 16.08 -35.36 -0.19
N ILE A 359 15.29 -34.78 0.70
CA ILE A 359 14.80 -33.42 0.51
C ILE A 359 15.43 -32.46 1.51
N GLN A 360 15.91 -31.31 1.05
CA GLN A 360 16.52 -30.33 1.94
C GLN A 360 15.62 -29.13 2.24
N LEU A 361 15.94 -28.43 3.33
CA LEU A 361 15.21 -27.24 3.75
C LEU A 361 16.19 -26.15 4.17
N GLY A 362 16.00 -24.94 3.66
CA GLY A 362 16.85 -23.82 4.03
C GLY A 362 16.40 -23.37 5.41
N VAL A 363 17.02 -23.94 6.45
CA VAL A 363 16.63 -23.65 7.82
C VAL A 363 17.19 -22.39 8.47
N ALA A 364 18.43 -22.02 8.15
CA ALA A 364 19.01 -20.83 8.76
C ALA A 364 20.02 -20.08 7.89
N TYR A 365 20.18 -18.79 8.17
CA TYR A 365 21.11 -17.93 7.47
C TYR A 365 22.25 -17.59 8.43
N LYS A 366 23.47 -17.55 7.91
CA LYS A 366 24.64 -17.22 8.73
C LYS A 366 25.62 -16.42 7.88
N ARG A 367 26.13 -15.31 8.43
CA ARG A 367 27.08 -14.46 7.71
C ARG A 367 28.39 -15.16 7.38
N SER A 368 29.24 -14.47 6.63
CA SER A 368 30.53 -15.00 6.22
C SER A 368 31.41 -15.25 7.44
N ASP A 369 31.30 -14.37 8.43
CA ASP A 369 32.07 -14.48 9.66
C ASP A 369 31.45 -15.50 10.61
N GLY A 370 30.18 -15.82 10.41
CA GLY A 370 29.53 -16.79 11.26
C GLY A 370 28.33 -16.27 12.04
N THR A 371 28.27 -14.96 12.26
CA THR A 371 27.14 -14.39 12.99
C THR A 371 25.82 -14.71 12.30
N PRO A 372 24.89 -15.30 13.04
CA PRO A 372 23.58 -15.65 12.47
C PRO A 372 22.81 -14.44 12.00
N VAL A 373 22.23 -14.55 10.80
CA VAL A 373 21.42 -13.48 10.23
C VAL A 373 20.00 -13.70 10.75
N LYS A 374 19.64 -12.93 11.78
CA LYS A 374 18.35 -12.97 12.48
C LYS A 374 17.12 -13.37 11.66
N SER A 375 16.58 -12.41 10.93
CA SER A 375 15.40 -12.62 10.08
C SER A 375 15.84 -12.35 8.65
N PHE A 376 14.92 -12.50 7.69
CA PHE A 376 15.25 -12.23 6.29
C PHE A 376 15.65 -10.76 6.13
N PRO A 377 16.88 -10.52 5.64
CA PRO A 377 17.42 -9.17 5.44
C PRO A 377 16.94 -8.42 4.22
N GLY A 378 17.01 -7.10 4.31
CA GLY A 378 16.59 -6.24 3.21
C GLY A 378 17.79 -5.94 2.33
N ASP A 379 18.97 -5.88 2.94
CA ASP A 379 20.20 -5.59 2.22
C ASP A 379 20.54 -6.70 1.23
N LEU A 380 20.41 -6.37 -0.06
CA LEU A 380 20.68 -7.32 -1.13
C LEU A 380 22.08 -7.91 -1.05
N ARG A 381 23.06 -7.09 -0.67
CA ARG A 381 24.42 -7.54 -0.57
C ARG A 381 24.53 -8.67 0.45
N LEU A 382 24.06 -8.40 1.67
CA LEU A 382 24.08 -9.39 2.74
C LEU A 382 23.35 -10.65 2.30
N LEU A 383 22.34 -10.46 1.47
CA LEU A 383 21.55 -11.56 0.96
C LEU A 383 22.29 -12.38 -0.09
N GLU A 384 23.39 -11.84 -0.60
CA GLU A 384 24.17 -12.56 -1.60
C GLU A 384 25.53 -13.00 -1.05
N GLU A 385 25.79 -12.65 0.21
CA GLU A 385 27.03 -13.00 0.89
C GLU A 385 26.84 -14.17 1.84
N LEU A 386 25.71 -14.16 2.53
CA LEU A 386 25.38 -15.20 3.50
C LEU A 386 25.23 -16.59 2.89
N HIS A 387 25.36 -17.60 3.74
CA HIS A 387 25.20 -18.98 3.30
C HIS A 387 24.07 -19.61 4.10
N VAL A 388 23.45 -20.63 3.53
CA VAL A 388 22.33 -21.31 4.17
C VAL A 388 22.70 -22.64 4.83
N GLU A 389 22.12 -22.88 6.01
CA GLU A 389 22.33 -24.11 6.73
C GLU A 389 21.10 -24.96 6.48
N TYR A 390 21.29 -26.09 5.80
CA TYR A 390 20.18 -26.96 5.48
C TYR A 390 19.88 -28.07 6.47
N GLU A 391 18.71 -28.67 6.27
CA GLU A 391 18.21 -29.77 7.06
C GLU A 391 17.84 -30.79 5.99
N VAL A 392 18.15 -32.07 6.21
CA VAL A 392 17.83 -33.09 5.22
C VAL A 392 16.81 -34.11 5.72
N LEU A 393 15.68 -34.19 5.02
CA LEU A 393 14.62 -35.12 5.36
C LEU A 393 14.58 -36.24 4.34
N PRO A 394 14.18 -37.45 4.77
CA PRO A 394 14.13 -38.56 3.83
C PRO A 394 12.92 -38.39 2.91
N GLY A 395 13.15 -38.57 1.61
CA GLY A 395 12.06 -38.46 0.67
C GLY A 395 11.38 -39.78 0.44
N TRP A 396 10.14 -39.73 -0.02
CA TRP A 396 9.39 -40.93 -0.35
C TRP A 396 9.65 -41.05 -1.85
N LYS A 397 9.79 -42.26 -2.36
CA LYS A 397 10.02 -42.40 -3.79
C LYS A 397 8.88 -43.17 -4.45
N SER A 398 7.70 -42.55 -4.42
CA SER A 398 6.49 -43.13 -4.99
C SER A 398 5.61 -42.08 -5.65
N ASP A 399 4.82 -42.50 -6.64
CA ASP A 399 3.92 -41.58 -7.32
C ASP A 399 2.77 -41.28 -6.36
N ILE A 400 2.44 -40.01 -6.21
CA ILE A 400 1.37 -39.62 -5.30
C ILE A 400 0.31 -38.74 -5.95
N SER A 401 0.45 -38.49 -7.24
CA SER A 401 -0.50 -37.65 -7.95
C SER A 401 -1.94 -38.14 -7.95
N SER A 402 -2.19 -39.29 -7.34
CA SER A 402 -3.56 -39.83 -7.28
C SER A 402 -4.10 -39.92 -5.86
N VAL A 403 -3.27 -39.60 -4.88
CA VAL A 403 -3.67 -39.65 -3.48
C VAL A 403 -4.71 -38.56 -3.19
N ARG A 404 -5.83 -38.96 -2.61
CA ARG A 404 -6.90 -38.02 -2.28
C ARG A 404 -7.01 -37.68 -0.79
N ASN A 405 -6.75 -38.66 0.06
CA ASN A 405 -6.79 -38.46 1.51
C ASN A 405 -5.38 -38.15 2.02
N TYR A 406 -5.30 -37.47 3.16
CA TYR A 406 -4.00 -37.13 3.75
C TYR A 406 -3.23 -38.35 4.20
N SER A 407 -3.85 -39.13 5.09
CA SER A 407 -3.24 -40.33 5.63
C SER A 407 -2.80 -41.35 4.59
N ASP A 408 -3.31 -41.21 3.37
CA ASP A 408 -2.93 -42.11 2.28
C ASP A 408 -1.56 -41.75 1.72
N LEU A 409 -1.03 -40.61 2.13
CA LEU A 409 0.28 -40.16 1.67
C LEU A 409 1.38 -40.92 2.40
N PRO A 410 2.48 -41.21 1.68
CA PRO A 410 3.62 -41.92 2.27
C PRO A 410 4.03 -41.19 3.55
N LYS A 411 4.52 -41.93 4.53
CA LYS A 411 4.90 -41.31 5.79
C LYS A 411 5.96 -40.21 5.65
N ALA A 412 6.93 -40.43 4.78
CA ALA A 412 7.99 -39.44 4.57
C ALA A 412 7.40 -38.12 4.08
N ALA A 413 6.36 -38.23 3.27
CA ALA A 413 5.67 -37.06 2.72
C ALA A 413 4.95 -36.30 3.83
N GLN A 414 4.20 -37.03 4.64
CA GLN A 414 3.47 -36.45 5.76
C GLN A 414 4.43 -35.69 6.64
N GLN A 415 5.54 -36.34 6.98
CA GLN A 415 6.55 -35.74 7.84
C GLN A 415 7.09 -34.43 7.25
N TYR A 416 7.29 -34.40 5.94
CA TYR A 416 7.79 -33.19 5.28
C TYR A 416 6.81 -32.07 5.53
N VAL A 417 5.54 -32.37 5.32
CA VAL A 417 4.46 -31.40 5.52
C VAL A 417 4.43 -30.91 6.95
N GLU A 418 4.40 -31.84 7.89
CA GLU A 418 4.34 -31.52 9.30
C GLU A 418 5.57 -30.76 9.79
N ARG A 419 6.70 -30.97 9.12
CA ARG A 419 7.94 -30.30 9.49
C ARG A 419 7.88 -28.82 9.14
N ILE A 420 7.31 -28.53 7.97
CA ILE A 420 7.19 -27.15 7.52
C ILE A 420 6.27 -26.41 8.50
N GLU A 421 5.27 -27.10 9.01
CA GLU A 421 4.35 -26.50 9.97
C GLU A 421 5.05 -26.25 11.30
N GLU A 422 5.95 -27.16 11.68
CA GLU A 422 6.66 -27.03 12.95
C GLU A 422 7.64 -25.87 12.95
N LEU A 423 8.38 -25.73 11.85
CA LEU A 423 9.36 -24.66 11.73
C LEU A 423 8.72 -23.30 11.54
N VAL A 424 7.63 -23.27 10.78
CA VAL A 424 6.92 -22.04 10.48
C VAL A 424 5.89 -21.60 11.51
N GLY A 425 5.10 -22.53 12.02
CA GLY A 425 4.10 -22.18 13.00
C GLY A 425 2.70 -22.01 12.45
N VAL A 426 2.57 -22.05 11.12
CA VAL A 426 1.26 -21.93 10.46
C VAL A 426 0.90 -23.29 9.89
N PRO A 427 -0.31 -23.79 10.19
CA PRO A 427 -0.79 -25.08 9.70
C PRO A 427 -1.09 -25.13 8.21
N ILE A 428 -0.81 -26.28 7.59
CA ILE A 428 -1.08 -26.46 6.17
C ILE A 428 -2.39 -27.20 6.00
N HIS A 429 -3.37 -26.54 5.42
CA HIS A 429 -4.68 -27.14 5.19
C HIS A 429 -4.91 -27.57 3.75
N TYR A 430 -4.01 -27.18 2.86
CA TYR A 430 -4.14 -27.53 1.45
C TYR A 430 -2.81 -28.02 0.89
N ILE A 431 -2.84 -29.21 0.29
CA ILE A 431 -1.64 -29.81 -0.27
C ILE A 431 -1.84 -30.16 -1.74
N GLY A 432 -1.05 -29.51 -2.61
CA GLY A 432 -1.17 -29.77 -4.03
C GLY A 432 -0.26 -30.89 -4.48
N ILE A 433 -0.83 -31.83 -5.24
CA ILE A 433 -0.07 -32.96 -5.75
C ILE A 433 -0.34 -33.19 -7.24
N GLY A 434 -0.45 -32.11 -7.99
CA GLY A 434 -0.72 -32.18 -9.42
C GLY A 434 -1.38 -30.91 -9.93
N PRO A 435 -1.17 -30.56 -11.21
CA PRO A 435 -1.78 -29.35 -11.77
C PRO A 435 -3.29 -29.41 -11.91
N GLY A 436 -3.86 -30.59 -11.72
CA GLY A 436 -5.30 -30.75 -11.86
C GLY A 436 -6.16 -29.96 -10.89
N ARG A 437 -7.42 -29.78 -11.27
CA ARG A 437 -8.39 -29.06 -10.46
C ARG A 437 -8.77 -29.91 -9.25
N ASP A 438 -8.77 -31.22 -9.43
CA ASP A 438 -9.11 -32.16 -8.38
C ASP A 438 -7.90 -32.64 -7.56
N ALA A 439 -6.70 -32.34 -8.06
CA ALA A 439 -5.46 -32.75 -7.40
C ALA A 439 -5.07 -31.92 -6.17
N LEU A 440 -5.88 -31.98 -5.12
CA LEU A 440 -5.62 -31.24 -3.89
C LEU A 440 -6.08 -32.04 -2.68
N ILE A 441 -5.18 -32.17 -1.70
CA ILE A 441 -5.47 -32.91 -0.47
C ILE A 441 -5.77 -31.94 0.65
N TYR A 442 -6.93 -32.10 1.27
CA TYR A 442 -7.31 -31.23 2.38
C TYR A 442 -6.80 -31.81 3.69
N LYS A 443 -6.41 -30.93 4.61
CA LYS A 443 -5.91 -31.33 5.91
C LYS A 443 -6.49 -30.45 7.01
N ILE B 15 -8.88 4.71 27.55
CA ILE B 15 -7.51 4.99 27.01
C ILE B 15 -6.56 3.80 27.19
N GLY B 16 -6.57 3.22 28.40
CA GLY B 16 -5.72 2.08 28.66
C GLY B 16 -6.38 0.79 28.20
N SER B 17 -7.57 0.93 27.63
CA SER B 17 -8.34 -0.22 27.13
C SER B 17 -8.08 -0.44 25.64
N LEU B 18 -7.19 0.37 25.06
CA LEU B 18 -6.83 0.24 23.65
C LEU B 18 -6.13 -1.08 23.38
N SER B 19 -6.17 -1.51 22.12
CA SER B 19 -5.54 -2.76 21.72
C SER B 19 -4.02 -2.68 21.78
N GLN B 20 -3.36 -3.84 21.82
CA GLN B 20 -1.91 -3.88 21.88
C GLN B 20 -1.29 -3.10 20.73
N VAL B 21 -1.92 -3.21 19.56
CA VAL B 21 -1.44 -2.50 18.39
C VAL B 21 -2.51 -1.55 17.86
N SER B 22 -2.52 -0.33 18.41
CA SER B 22 -3.49 0.67 17.99
C SER B 22 -2.91 1.60 16.92
N GLY B 23 -3.74 2.44 16.36
CA GLY B 23 -3.31 3.39 15.34
C GLY B 23 -4.13 4.66 15.39
N VAL B 24 -3.58 5.73 14.83
CA VAL B 24 -4.24 7.03 14.78
C VAL B 24 -4.20 7.50 13.34
N LEU B 25 -5.36 7.69 12.72
CA LEU B 25 -5.40 8.13 11.32
C LEU B 25 -6.28 9.37 11.10
N GLY B 26 -6.02 10.07 10.00
CA GLY B 26 -6.79 11.27 9.66
C GLY B 26 -7.98 10.97 8.77
N CYS B 27 -9.12 11.57 9.09
CA CYS B 27 -10.34 11.34 8.32
C CYS B 27 -10.62 12.35 7.21
N GLN B 28 -10.15 13.58 7.38
CA GLN B 28 -10.41 14.62 6.38
C GLN B 28 -9.29 14.88 5.38
N TRP B 29 -8.81 16.12 5.30
CA TRP B 29 -7.77 16.44 4.35
C TRP B 29 -6.40 16.84 4.89
N GLY B 30 -6.01 16.28 6.02
CA GLY B 30 -4.68 16.57 6.54
C GLY B 30 -4.36 17.22 7.88
N ASP B 31 -5.12 18.23 8.31
CA ASP B 31 -4.78 18.90 9.57
C ASP B 31 -5.67 18.67 10.78
N GLU B 32 -6.28 17.48 10.83
CA GLU B 32 -7.18 17.11 11.92
C GLU B 32 -6.66 17.34 13.34
N GLY B 33 -5.41 16.96 13.61
CA GLY B 33 -4.85 17.13 14.95
C GLY B 33 -4.47 15.82 15.61
N LYS B 34 -3.79 14.97 14.84
CA LYS B 34 -3.37 13.67 15.31
C LYS B 34 -2.19 13.81 16.26
N GLY B 35 -1.24 14.65 15.88
CA GLY B 35 -0.06 14.89 16.70
C GLY B 35 -0.42 14.97 18.17
N LYS B 36 -1.34 15.87 18.49
CA LYS B 36 -1.81 16.05 19.86
C LYS B 36 -2.25 14.73 20.47
N LEU B 37 -3.07 13.99 19.73
CA LEU B 37 -3.59 12.72 20.20
C LEU B 37 -2.52 11.66 20.46
N VAL B 38 -1.61 11.49 19.50
CA VAL B 38 -0.54 10.51 19.65
C VAL B 38 0.31 10.81 20.88
N ASP B 39 0.64 12.09 21.06
CA ASP B 39 1.43 12.57 22.19
C ASP B 39 0.74 12.22 23.51
N ILE B 40 -0.57 12.41 23.55
CA ILE B 40 -1.36 12.11 24.74
C ILE B 40 -1.45 10.60 24.96
N LEU B 41 -1.59 9.85 23.87
CA LEU B 41 -1.70 8.40 23.95
C LEU B 41 -0.39 7.65 24.19
N ALA B 42 0.71 8.23 23.73
CA ALA B 42 2.04 7.63 23.89
C ALA B 42 2.42 7.34 25.33
N GLN B 43 1.70 7.92 26.28
CA GLN B 43 1.99 7.70 27.70
C GLN B 43 1.80 6.24 28.07
N HIS B 44 0.95 5.53 27.33
CA HIS B 44 0.68 4.12 27.61
C HIS B 44 1.07 3.18 26.47
N PHE B 45 2.06 3.59 25.68
CA PHE B 45 2.54 2.79 24.56
C PHE B 45 4.07 2.69 24.58
N ASP B 46 4.57 1.48 24.35
CA ASP B 46 6.00 1.24 24.34
C ASP B 46 6.65 1.78 23.06
N ILE B 47 5.93 1.63 21.95
CA ILE B 47 6.44 2.06 20.67
C ILE B 47 5.46 2.91 19.89
N VAL B 48 5.99 3.93 19.21
CA VAL B 48 5.18 4.82 18.38
C VAL B 48 5.87 4.78 17.02
N ALA B 49 5.14 4.31 16.00
CA ALA B 49 5.73 4.20 14.68
C ALA B 49 4.94 4.84 13.55
N ARG B 50 5.64 5.57 12.69
CA ARG B 50 5.05 6.23 11.53
C ARG B 50 5.24 5.27 10.35
N CYS B 51 4.23 5.15 9.49
CA CYS B 51 4.32 4.23 8.36
C CYS B 51 4.40 4.79 6.94
N GLN B 52 3.73 5.91 6.69
CA GLN B 52 3.74 6.49 5.35
C GLN B 52 4.19 7.95 5.33
N GLY B 53 4.12 8.55 4.15
CA GLY B 53 4.49 9.95 3.99
C GLY B 53 5.96 10.30 4.21
N GLY B 54 6.21 11.58 4.42
CA GLY B 54 7.57 12.05 4.65
C GLY B 54 7.62 13.28 5.53
N ALA B 55 8.48 14.22 5.15
CA ALA B 55 8.65 15.46 5.90
C ALA B 55 7.49 16.43 5.71
N ASN B 56 6.66 16.15 4.71
CA ASN B 56 5.48 16.97 4.38
C ASN B 56 4.60 17.28 5.59
N ALA B 57 4.72 16.46 6.63
CA ALA B 57 3.92 16.64 7.83
C ALA B 57 4.28 17.88 8.64
N GLY B 58 3.61 18.04 9.78
CA GLY B 58 3.87 19.18 10.65
C GLY B 58 3.06 19.00 11.92
N HIS B 59 3.28 17.88 12.60
CA HIS B 59 2.58 17.55 13.83
C HIS B 59 2.94 18.48 15.00
N THR B 60 2.02 19.38 15.32
CA THR B 60 2.23 20.35 16.41
C THR B 60 1.76 19.80 17.77
N ILE B 61 2.64 19.94 18.77
CA ILE B 61 2.37 19.47 20.13
C ILE B 61 2.88 20.49 21.14
N TYR B 62 2.32 20.44 22.34
CA TYR B 62 2.72 21.31 23.44
C TYR B 62 2.92 20.42 24.66
N ASN B 63 4.11 20.46 25.25
CA ASN B 63 4.41 19.65 26.44
C ASN B 63 3.59 20.09 27.67
N SER B 64 3.98 19.63 28.85
CA SER B 64 3.29 19.99 30.07
C SER B 64 3.38 21.48 30.39
N GLU B 65 4.47 22.12 29.96
CA GLU B 65 4.67 23.54 30.19
C GLU B 65 3.96 24.41 29.14
N GLY B 66 4.14 24.07 27.88
CA GLY B 66 3.51 24.82 26.80
C GLY B 66 4.45 25.07 25.65
N LYS B 67 5.54 24.32 25.58
CA LYS B 67 6.52 24.47 24.50
C LYS B 67 5.99 23.89 23.19
N LYS B 68 5.98 24.74 22.16
CA LYS B 68 5.51 24.38 20.84
C LYS B 68 6.52 23.53 20.07
N PHE B 69 6.18 22.27 19.89
CA PHE B 69 7.03 21.32 19.16
C PHE B 69 6.36 20.97 17.84
N ALA B 70 7.04 21.22 16.74
CA ALA B 70 6.48 20.89 15.43
C ALA B 70 7.28 19.76 14.79
N LEU B 71 6.86 18.52 15.06
CA LEU B 71 7.52 17.35 14.50
C LEU B 71 7.21 17.24 13.01
N HIS B 72 8.07 16.54 12.29
CA HIS B 72 7.89 16.34 10.86
C HIS B 72 8.05 14.87 10.49
N LEU B 73 9.25 14.35 10.75
CA LEU B 73 9.57 12.95 10.46
C LEU B 73 9.50 12.14 11.75
N VAL B 74 10.06 12.69 12.81
CA VAL B 74 10.08 12.02 14.10
C VAL B 74 8.64 11.86 14.62
N PRO B 75 8.25 10.64 14.98
CA PRO B 75 6.90 10.36 15.49
C PRO B 75 6.57 11.26 16.66
N SER B 76 5.31 11.71 16.73
CA SER B 76 4.85 12.59 17.79
C SER B 76 5.03 12.07 19.21
N GLY B 77 5.26 10.77 19.36
CA GLY B 77 5.46 10.21 20.68
C GLY B 77 6.87 10.39 21.21
N ILE B 78 7.68 11.18 20.49
CA ILE B 78 9.05 11.44 20.87
C ILE B 78 9.18 12.22 22.18
N LEU B 79 8.08 12.85 22.60
CA LEU B 79 8.12 13.62 23.84
C LEU B 79 8.13 12.75 25.09
N ASN B 80 7.67 11.50 24.96
CA ASN B 80 7.67 10.58 26.09
C ASN B 80 9.00 9.86 26.11
N GLU B 81 9.80 10.15 27.13
CA GLU B 81 11.14 9.58 27.28
C GLU B 81 11.21 8.05 27.26
N ASP B 82 10.20 7.41 27.82
CA ASP B 82 10.15 5.95 27.87
C ASP B 82 9.44 5.36 26.65
N THR B 83 9.67 5.96 25.49
CA THR B 83 9.05 5.51 24.25
C THR B 83 10.04 5.41 23.11
N THR B 84 10.01 4.29 22.39
CA THR B 84 10.89 4.09 21.26
C THR B 84 10.12 4.47 20.00
N CYS B 85 10.67 5.44 19.27
CA CYS B 85 10.04 5.89 18.04
C CYS B 85 10.62 5.14 16.85
N VAL B 86 9.73 4.69 15.96
CA VAL B 86 10.14 3.95 14.79
C VAL B 86 9.67 4.62 13.50
N ILE B 87 10.59 4.77 12.57
CA ILE B 87 10.30 5.34 11.26
C ILE B 87 10.24 4.14 10.30
N GLY B 88 9.02 3.77 9.92
CA GLY B 88 8.80 2.63 9.04
C GLY B 88 9.38 2.63 7.63
N ASN B 89 9.13 1.51 6.94
CA ASN B 89 9.61 1.31 5.57
C ASN B 89 8.84 2.05 4.49
N GLY B 90 7.57 2.33 4.75
CA GLY B 90 6.76 3.04 3.77
C GLY B 90 7.08 4.53 3.69
N VAL B 91 7.85 5.01 4.66
CA VAL B 91 8.24 6.41 4.72
C VAL B 91 9.37 6.73 3.74
N VAL B 92 9.50 8.02 3.41
CA VAL B 92 10.56 8.50 2.51
C VAL B 92 11.36 9.55 3.28
N VAL B 93 12.42 9.11 3.93
CA VAL B 93 13.25 10.01 4.72
C VAL B 93 14.25 10.86 3.96
N HIS B 94 14.23 12.15 4.28
CA HIS B 94 15.15 13.11 3.70
C HIS B 94 16.13 13.36 4.83
N LEU B 95 17.28 12.70 4.78
CA LEU B 95 18.29 12.80 5.83
C LEU B 95 18.67 14.21 6.29
N PRO B 96 18.99 15.12 5.36
CA PRO B 96 19.37 16.48 5.77
C PRO B 96 18.34 17.06 6.74
N GLY B 97 17.08 16.93 6.37
CA GLY B 97 16.01 17.43 7.21
C GLY B 97 15.83 16.64 8.48
N LEU B 98 15.97 15.32 8.39
CA LEU B 98 15.81 14.44 9.55
C LEU B 98 16.77 14.82 10.67
N PHE B 99 18.03 15.02 10.30
CA PHE B 99 19.05 15.38 11.29
C PHE B 99 18.79 16.75 11.87
N LYS B 100 18.42 17.69 11.01
CA LYS B 100 18.12 19.05 11.42
C LYS B 100 17.01 19.03 12.47
N GLU B 101 16.06 18.12 12.29
CA GLU B 101 14.93 17.98 13.19
C GLU B 101 15.40 17.37 14.51
N ILE B 102 16.35 16.43 14.41
CA ILE B 102 16.89 15.78 15.59
C ILE B 102 17.76 16.76 16.37
N ASP B 103 18.55 17.55 15.66
CA ASP B 103 19.42 18.54 16.27
C ASP B 103 18.61 19.48 17.16
N GLY B 104 17.66 20.18 16.55
CA GLY B 104 16.83 21.11 17.27
C GLY B 104 15.88 20.46 18.27
N LEU B 105 15.80 19.13 18.22
CA LEU B 105 14.93 18.42 19.15
C LEU B 105 15.66 18.15 20.46
N GLU B 106 16.95 17.80 20.35
CA GLU B 106 17.77 17.53 21.52
C GLU B 106 18.16 18.83 22.22
N SER B 107 18.34 19.89 21.44
CA SER B 107 18.71 21.19 21.99
C SER B 107 17.55 21.76 22.80
N ASN B 108 16.34 21.30 22.50
CA ASN B 108 15.15 21.73 23.21
C ASN B 108 14.82 20.80 24.38
N GLY B 109 15.72 19.86 24.65
CA GLY B 109 15.51 18.94 25.76
C GLY B 109 15.50 17.45 25.45
N VAL B 110 14.54 17.01 24.65
CA VAL B 110 14.37 15.59 24.29
C VAL B 110 15.62 14.91 23.70
N SER B 111 16.13 13.91 24.42
CA SER B 111 17.31 13.16 23.95
C SER B 111 16.93 12.02 23.00
N CYS B 112 17.25 12.22 21.73
CA CYS B 112 16.94 11.26 20.67
C CYS B 112 17.90 10.08 20.52
N LYS B 113 18.89 9.99 21.39
CA LYS B 113 19.86 8.92 21.31
C LYS B 113 19.26 7.52 21.58
N GLY B 114 19.32 6.68 20.55
CA GLY B 114 18.81 5.32 20.66
C GLY B 114 17.30 5.20 20.82
N ARG B 115 16.57 6.23 20.44
CA ARG B 115 15.12 6.21 20.55
C ARG B 115 14.43 6.36 19.20
N ILE B 116 15.20 6.75 18.19
CA ILE B 116 14.67 6.91 16.84
C ILE B 116 15.21 5.80 15.93
N LEU B 117 14.40 4.78 15.70
CA LEU B 117 14.78 3.67 14.86
C LEU B 117 14.36 3.93 13.42
N VAL B 118 15.34 4.06 12.53
CA VAL B 118 15.05 4.31 11.12
C VAL B 118 15.18 3.05 10.29
N SER B 119 14.08 2.64 9.68
CA SER B 119 14.03 1.44 8.84
C SER B 119 15.04 1.48 7.69
N ASP B 120 15.69 0.34 7.46
CA ASP B 120 16.66 0.19 6.39
C ASP B 120 15.99 -0.07 5.04
N ARG B 121 14.69 -0.32 5.07
CA ARG B 121 13.93 -0.57 3.85
C ARG B 121 13.20 0.70 3.38
N ALA B 122 13.25 1.75 4.19
CA ALA B 122 12.62 3.01 3.84
C ALA B 122 13.44 3.68 2.74
N HIS B 123 12.78 4.45 1.88
CA HIS B 123 13.46 5.12 0.77
C HIS B 123 14.01 6.50 1.11
N LEU B 124 15.14 6.85 0.49
CA LEU B 124 15.79 8.13 0.70
C LEU B 124 15.32 9.21 -0.25
N LEU B 125 14.76 10.28 0.30
CA LEU B 125 14.32 11.41 -0.49
C LEU B 125 15.55 12.30 -0.63
N PHE B 126 16.05 12.45 -1.85
CA PHE B 126 17.25 13.27 -2.07
C PHE B 126 16.95 14.72 -2.39
N ASP B 127 18.00 15.53 -2.39
CA ASP B 127 17.90 16.96 -2.68
C ASP B 127 17.41 17.20 -4.11
N PHE B 128 17.81 16.30 -5.01
CA PHE B 128 17.40 16.42 -6.41
C PHE B 128 15.91 16.13 -6.54
N HIS B 129 15.39 15.27 -5.67
CA HIS B 129 13.97 14.92 -5.71
C HIS B 129 13.12 16.17 -5.47
N GLN B 130 13.62 17.06 -4.62
CA GLN B 130 12.94 18.31 -4.27
C GLN B 130 13.01 19.33 -5.40
N GLU B 131 14.15 19.39 -6.09
CA GLU B 131 14.35 20.32 -7.19
C GLU B 131 13.52 19.86 -8.39
N VAL B 132 13.44 18.55 -8.58
CA VAL B 132 12.69 17.95 -9.68
C VAL B 132 11.17 18.15 -9.53
N ASP B 133 10.67 17.96 -8.31
CA ASP B 133 9.24 18.13 -8.02
C ASP B 133 8.77 19.52 -8.42
N GLY B 134 9.59 20.52 -8.10
CA GLY B 134 9.27 21.90 -8.42
C GLY B 134 9.35 22.24 -9.90
N LEU B 135 10.24 21.57 -10.62
CA LEU B 135 10.40 21.81 -12.05
C LEU B 135 9.15 21.41 -12.83
N ARG B 136 8.36 20.51 -12.25
CA ARG B 136 7.13 20.05 -12.87
C ARG B 136 5.98 20.97 -12.54
N GLU B 137 6.10 21.67 -11.41
CA GLU B 137 5.06 22.60 -10.97
C GLU B 137 4.93 23.79 -11.92
N SER B 138 6.06 24.27 -12.45
CA SER B 138 6.05 25.40 -13.37
C SER B 138 5.53 24.98 -14.75
N GLU B 139 5.10 23.73 -14.86
CA GLU B 139 4.58 23.19 -16.10
C GLU B 139 3.08 22.89 -15.98
N LEU B 140 2.60 22.82 -14.74
CA LEU B 140 1.19 22.53 -14.46
C LEU B 140 0.26 23.67 -14.88
N ALA B 141 -1.01 23.34 -15.11
CA ALA B 141 -2.01 24.32 -15.51
C ALA B 141 -2.69 24.93 -14.28
N LYS B 142 -4.01 25.12 -14.35
CA LYS B 142 -4.76 25.67 -13.22
C LYS B 142 -4.96 24.64 -12.11
N SER B 143 -4.51 23.42 -12.36
CA SER B 143 -4.62 22.32 -11.39
C SER B 143 -3.28 21.96 -10.72
N PHE B 144 -2.53 22.99 -10.33
CA PHE B 144 -1.24 22.79 -9.67
C PHE B 144 -1.38 22.32 -8.22
N ILE B 145 -0.47 21.44 -7.80
CA ILE B 145 -0.50 20.92 -6.43
C ILE B 145 -0.09 21.97 -5.40
N GLY B 146 -0.44 21.72 -4.14
CA GLY B 146 -0.10 22.66 -3.07
C GLY B 146 1.27 22.38 -2.45
N THR B 147 1.88 21.27 -2.83
CA THR B 147 3.19 20.89 -2.30
C THR B 147 4.29 21.86 -2.75
N THR B 148 4.84 22.61 -1.79
CA THR B 148 5.90 23.58 -2.07
C THR B 148 7.29 22.96 -2.28
N LYS B 149 7.46 22.27 -3.40
CA LYS B 149 8.71 21.61 -3.76
C LYS B 149 9.25 20.67 -2.67
N ARG B 150 8.37 19.86 -2.09
CA ARG B 150 8.76 18.92 -1.06
C ARG B 150 9.41 17.68 -1.69
N GLY B 151 8.84 17.23 -2.81
CA GLY B 151 9.40 16.08 -3.52
C GLY B 151 8.90 14.70 -3.12
N ILE B 152 7.71 14.64 -2.53
CA ILE B 152 7.14 13.35 -2.13
C ILE B 152 6.80 12.49 -3.34
N GLY B 153 6.26 13.13 -4.37
CA GLY B 153 5.91 12.43 -5.60
C GLY B 153 7.10 11.75 -6.24
N PRO B 154 8.17 12.50 -6.54
CA PRO B 154 9.39 11.95 -7.17
C PRO B 154 10.02 10.81 -6.35
N ALA B 155 9.98 10.93 -5.03
CA ALA B 155 10.54 9.91 -4.16
C ALA B 155 9.84 8.58 -4.41
N TYR B 156 8.51 8.57 -4.24
CA TYR B 156 7.74 7.36 -4.47
C TYR B 156 7.79 6.93 -5.93
N SER B 157 8.07 7.89 -6.81
CA SER B 157 8.17 7.59 -8.24
C SER B 157 9.36 6.66 -8.43
N SER B 158 10.50 7.04 -7.85
CA SER B 158 11.72 6.25 -7.93
C SER B 158 11.54 4.88 -7.29
N LYS B 159 10.82 4.85 -6.18
CA LYS B 159 10.55 3.60 -5.47
C LYS B 159 9.88 2.60 -6.40
N VAL B 160 8.76 3.02 -6.97
CA VAL B 160 7.98 2.21 -7.89
C VAL B 160 8.79 1.77 -9.12
N ILE B 161 9.59 2.71 -9.65
CA ILE B 161 10.45 2.44 -10.80
C ILE B 161 11.56 1.45 -10.42
N ARG B 162 11.81 1.35 -9.12
CA ARG B 162 12.81 0.45 -8.55
C ARG B 162 14.27 0.88 -8.73
N ASN B 163 14.50 2.17 -8.89
CA ASN B 163 15.86 2.66 -9.04
C ASN B 163 16.21 3.65 -7.93
N GLY B 164 15.28 3.83 -7.00
CA GLY B 164 15.51 4.71 -5.87
C GLY B 164 16.48 4.06 -4.89
N ILE B 165 17.08 4.87 -4.04
CA ILE B 165 18.03 4.34 -3.06
C ILE B 165 17.37 4.23 -1.69
N ARG B 166 17.65 3.15 -0.98
CA ARG B 166 17.08 2.93 0.35
C ARG B 166 18.09 3.25 1.44
N VAL B 167 17.61 3.29 2.68
CA VAL B 167 18.45 3.59 3.83
C VAL B 167 19.60 2.60 4.01
N GLY B 168 19.29 1.31 3.86
CA GLY B 168 20.29 0.27 4.02
C GLY B 168 21.38 0.31 2.96
N ASP B 169 21.10 1.00 1.85
CA ASP B 169 22.05 1.12 0.75
C ASP B 169 23.20 2.04 1.14
N LEU B 170 23.06 2.73 2.27
CA LEU B 170 24.08 3.64 2.76
C LEU B 170 25.28 2.90 3.34
N ARG B 171 25.08 1.61 3.62
CA ARG B 171 26.13 0.77 4.17
C ARG B 171 27.10 0.24 3.12
N HIS B 172 26.84 0.56 1.87
CA HIS B 172 27.71 0.15 0.76
C HIS B 172 28.07 1.40 -0.02
N MET B 173 28.98 2.19 0.55
CA MET B 173 29.42 3.42 -0.08
C MET B 173 30.11 3.25 -1.42
N ASP B 174 30.48 2.02 -1.73
CA ASP B 174 31.13 1.68 -2.99
C ASP B 174 30.18 1.71 -4.19
N THR B 175 28.93 1.32 -3.96
CA THR B 175 27.94 1.29 -5.03
C THR B 175 27.01 2.50 -4.98
N LEU B 176 27.03 3.22 -3.86
CA LEU B 176 26.18 4.39 -3.68
C LEU B 176 26.34 5.43 -4.80
N PRO B 177 27.58 5.78 -5.17
CA PRO B 177 27.76 6.77 -6.25
C PRO B 177 27.21 6.27 -7.58
N GLN B 178 27.20 4.95 -7.75
CA GLN B 178 26.69 4.30 -8.95
C GLN B 178 25.17 4.47 -9.02
N LYS B 179 24.52 4.25 -7.89
CA LYS B 179 23.07 4.40 -7.78
C LYS B 179 22.71 5.86 -7.99
N LEU B 180 23.47 6.75 -7.37
CA LEU B 180 23.26 8.19 -7.47
C LEU B 180 23.24 8.66 -8.92
N ASP B 181 24.26 8.26 -9.67
CA ASP B 181 24.40 8.62 -11.07
C ASP B 181 23.10 8.36 -11.84
N LEU B 182 22.55 7.16 -11.69
CA LEU B 182 21.31 6.79 -12.37
C LEU B 182 20.15 7.71 -12.02
N LEU B 183 19.89 7.91 -10.74
CA LEU B 183 18.80 8.77 -10.30
C LEU B 183 18.96 10.17 -10.88
N LEU B 184 20.19 10.68 -10.85
CA LEU B 184 20.49 12.00 -11.37
C LEU B 184 20.43 12.03 -12.90
N SER B 185 20.74 10.91 -13.52
CA SER B 185 20.72 10.79 -14.97
C SER B 185 19.26 10.83 -15.42
N ASP B 186 18.40 10.13 -14.67
CA ASP B 186 16.96 10.08 -14.96
C ASP B 186 16.38 11.48 -14.85
N ALA B 187 16.76 12.18 -13.78
CA ALA B 187 16.29 13.54 -13.52
C ALA B 187 16.78 14.56 -14.55
N ALA B 188 18.02 14.38 -15.03
CA ALA B 188 18.60 15.28 -16.01
C ALA B 188 18.03 15.04 -17.40
N ALA B 189 17.83 13.77 -17.75
CA ALA B 189 17.28 13.39 -19.04
C ALA B 189 15.84 13.89 -19.19
N ARG B 190 15.12 13.92 -18.07
CA ARG B 190 13.73 14.37 -18.06
C ARG B 190 13.61 15.89 -18.17
N PHE B 191 14.02 16.59 -17.12
CA PHE B 191 13.95 18.05 -17.10
C PHE B 191 15.24 18.72 -17.55
N GLN B 192 15.15 19.50 -18.62
CA GLN B 192 16.29 20.22 -19.16
C GLN B 192 16.78 21.31 -18.22
N GLY B 193 15.88 21.79 -17.37
CA GLY B 193 16.22 22.84 -16.42
C GLY B 193 17.09 22.34 -15.28
N PHE B 194 17.17 21.02 -15.11
CA PHE B 194 17.96 20.40 -14.05
C PHE B 194 19.47 20.52 -14.28
N LYS B 195 20.10 21.39 -13.49
CA LYS B 195 21.54 21.62 -13.59
C LYS B 195 22.30 20.41 -13.07
N TYR B 196 22.74 19.55 -13.98
CA TYR B 196 23.47 18.34 -13.60
C TYR B 196 24.93 18.37 -14.06
N THR B 197 25.83 18.27 -13.10
CA THR B 197 27.27 18.28 -13.38
C THR B 197 27.96 17.12 -12.65
N PRO B 198 29.10 16.65 -13.18
CA PRO B 198 29.84 15.55 -12.55
C PRO B 198 30.37 15.96 -11.18
N GLU B 199 30.40 17.27 -10.93
CA GLU B 199 30.87 17.81 -9.66
C GLU B 199 29.78 17.73 -8.58
N MET B 200 28.52 17.86 -9.02
CA MET B 200 27.37 17.78 -8.10
C MET B 200 27.12 16.34 -7.69
N LEU B 201 27.62 15.40 -8.47
CA LEU B 201 27.46 13.98 -8.18
C LEU B 201 28.36 13.66 -6.99
N ARG B 202 29.61 14.12 -7.08
CA ARG B 202 30.60 13.92 -6.04
C ARG B 202 30.22 14.68 -4.78
N GLU B 203 29.41 15.73 -4.96
CA GLU B 203 28.96 16.57 -3.85
C GLU B 203 28.10 15.78 -2.86
N GLU B 204 26.99 15.21 -3.35
CA GLU B 204 26.09 14.43 -2.50
C GLU B 204 26.69 13.09 -2.05
N VAL B 205 27.71 12.61 -2.76
CA VAL B 205 28.36 11.35 -2.40
C VAL B 205 29.11 11.56 -1.09
N GLU B 206 29.87 12.64 -1.02
CA GLU B 206 30.64 12.96 0.18
C GLU B 206 29.69 13.37 1.29
N ALA B 207 28.66 14.12 0.93
CA ALA B 207 27.66 14.60 1.89
C ALA B 207 26.90 13.44 2.54
N TYR B 208 26.39 12.55 1.70
CA TYR B 208 25.65 11.40 2.20
C TYR B 208 26.51 10.35 2.91
N LYS B 209 27.83 10.45 2.72
CA LYS B 209 28.76 9.54 3.38
C LYS B 209 28.74 9.90 4.86
N ARG B 210 28.76 11.20 5.14
CA ARG B 210 28.74 11.73 6.50
C ARG B 210 27.41 11.35 7.14
N TYR B 211 26.35 11.44 6.34
CA TYR B 211 25.00 11.11 6.80
C TYR B 211 24.93 9.62 7.11
N ALA B 212 25.57 8.82 6.27
CA ALA B 212 25.59 7.37 6.42
C ALA B 212 26.27 6.96 7.73
N ASP B 213 27.36 7.64 8.06
CA ASP B 213 28.12 7.36 9.28
C ASP B 213 27.28 7.80 10.48
N ARG B 214 26.62 8.94 10.33
CA ARG B 214 25.77 9.51 11.36
C ARG B 214 24.49 8.71 11.60
N LEU B 215 23.82 8.32 10.52
CA LEU B 215 22.59 7.56 10.60
C LEU B 215 22.79 6.12 11.05
N GLU B 216 23.99 5.60 10.82
CA GLU B 216 24.34 4.21 11.18
C GLU B 216 23.72 3.65 12.45
N PRO B 217 23.90 4.34 13.60
CA PRO B 217 23.32 3.82 14.84
C PRO B 217 21.80 3.73 14.77
N TYR B 218 21.19 4.63 14.02
CA TYR B 218 19.75 4.67 13.86
C TYR B 218 19.14 3.55 13.01
N ILE B 219 19.83 3.21 11.92
CA ILE B 219 19.35 2.17 11.02
C ILE B 219 19.07 0.86 11.73
N THR B 220 17.85 0.35 11.57
CA THR B 220 17.43 -0.90 12.18
C THR B 220 16.36 -1.61 11.34
N ASP B 221 16.27 -2.94 11.47
CA ASP B 221 15.28 -3.73 10.74
C ASP B 221 13.92 -3.52 11.38
N THR B 222 13.19 -2.55 10.85
CA THR B 222 11.86 -2.19 11.33
C THR B 222 10.87 -3.35 11.35
N VAL B 223 10.77 -4.04 10.21
CA VAL B 223 9.85 -5.16 10.09
C VAL B 223 10.10 -6.16 11.21
N HIS B 224 11.35 -6.59 11.33
CA HIS B 224 11.74 -7.54 12.38
C HIS B 224 11.39 -6.97 13.74
N PHE B 225 11.91 -5.78 14.02
CA PHE B 225 11.67 -5.12 15.30
C PHE B 225 10.19 -5.08 15.70
N ILE B 226 9.37 -4.48 14.86
CA ILE B 226 7.95 -4.36 15.11
C ILE B 226 7.31 -5.71 15.45
N ASN B 227 7.56 -6.70 14.59
CA ASN B 227 7.00 -8.03 14.77
C ASN B 227 7.48 -8.71 16.04
N ASP B 228 8.79 -8.64 16.26
CA ASP B 228 9.40 -9.24 17.44
C ASP B 228 8.80 -8.57 18.68
N SER B 229 8.76 -7.24 18.65
CA SER B 229 8.21 -6.49 19.77
C SER B 229 6.75 -6.88 20.03
N ILE B 230 5.98 -7.01 18.97
CA ILE B 230 4.58 -7.38 19.09
C ILE B 230 4.39 -8.75 19.75
N SER B 231 5.22 -9.72 19.38
CA SER B 231 5.12 -11.04 20.01
C SER B 231 5.62 -10.98 21.46
N GLN B 232 6.42 -9.96 21.75
CA GLN B 232 6.96 -9.74 23.09
C GLN B 232 5.95 -9.00 23.97
N LYS B 233 4.75 -8.82 23.43
CA LYS B 233 3.64 -8.14 24.11
C LYS B 233 3.81 -6.63 24.31
N LYS B 234 4.70 -6.03 23.53
CA LYS B 234 4.94 -4.59 23.61
C LYS B 234 3.84 -3.83 22.87
N LYS B 235 3.35 -2.75 23.47
CA LYS B 235 2.30 -1.93 22.87
C LYS B 235 2.80 -1.07 21.72
N VAL B 236 2.10 -1.11 20.60
CA VAL B 236 2.50 -0.33 19.43
C VAL B 236 1.40 0.61 18.98
N LEU B 237 1.75 1.90 18.85
CA LEU B 237 0.81 2.90 18.39
C LEU B 237 1.29 3.46 17.07
N VAL B 238 0.57 3.15 16.00
CA VAL B 238 0.94 3.63 14.69
C VAL B 238 0.39 5.03 14.46
N GLU B 239 1.27 5.92 14.03
CA GLU B 239 0.91 7.32 13.77
C GLU B 239 0.60 7.54 12.30
N GLY B 240 -0.66 7.88 12.03
CA GLY B 240 -1.08 8.14 10.65
C GLY B 240 -0.40 9.38 10.10
N GLY B 241 0.19 9.24 8.91
CA GLY B 241 0.87 10.34 8.28
C GLY B 241 -0.04 11.52 8.03
N GLN B 242 -1.07 11.29 7.22
CA GLN B 242 -2.05 12.32 6.89
C GLN B 242 -3.45 11.72 6.91
N ALA B 243 -4.41 12.42 6.31
CA ALA B 243 -5.79 11.95 6.26
C ALA B 243 -6.10 11.11 5.03
N THR B 244 -7.14 10.27 5.14
CA THR B 244 -7.53 9.37 4.05
C THR B 244 -8.05 10.03 2.76
N MET B 245 -8.65 11.20 2.86
CA MET B 245 -9.16 11.88 1.67
C MET B 245 -8.00 12.35 0.80
N LEU B 246 -6.79 12.21 1.32
CA LEU B 246 -5.58 12.59 0.60
C LEU B 246 -4.87 11.32 0.11
N ASP B 247 -5.50 10.17 0.33
CA ASP B 247 -4.93 8.89 -0.07
C ASP B 247 -4.76 8.83 -1.58
N ILE B 248 -3.68 8.20 -2.03
CA ILE B 248 -3.41 8.07 -3.45
C ILE B 248 -4.50 7.29 -4.19
N ASP B 249 -5.20 6.42 -3.48
CA ASP B 249 -6.27 5.60 -4.05
C ASP B 249 -7.67 6.09 -3.74
N PHE B 250 -7.98 6.15 -2.45
CA PHE B 250 -9.32 6.55 -1.99
C PHE B 250 -9.54 8.04 -1.84
N GLY B 251 -8.54 8.84 -2.18
CA GLY B 251 -8.67 10.28 -2.06
C GLY B 251 -9.39 10.95 -3.21
N THR B 252 -9.13 12.25 -3.37
CA THR B 252 -9.73 13.05 -4.42
C THR B 252 -8.73 13.24 -5.56
N TYR B 253 -8.19 12.12 -6.03
CA TYR B 253 -7.20 12.10 -7.11
C TYR B 253 -7.57 13.08 -8.25
N PRO B 254 -6.58 13.82 -8.79
CA PRO B 254 -5.16 13.84 -8.46
C PRO B 254 -4.75 14.81 -7.35
N PHE B 255 -5.72 15.27 -6.58
CA PHE B 255 -5.40 16.20 -5.49
C PHE B 255 -5.22 15.46 -4.19
N VAL B 256 -4.25 14.56 -4.22
CA VAL B 256 -3.90 13.73 -3.06
C VAL B 256 -2.38 13.62 -2.93
N THR B 257 -1.93 12.95 -1.89
CA THR B 257 -0.50 12.74 -1.69
C THR B 257 -0.15 11.40 -2.33
N SER B 258 1.14 11.13 -2.50
CA SER B 258 1.57 9.89 -3.11
C SER B 258 1.60 8.67 -2.19
N SER B 259 1.46 8.88 -0.88
CA SER B 259 1.47 7.77 0.07
C SER B 259 0.07 7.20 0.30
N SER B 260 -0.07 6.37 1.33
CA SER B 260 -1.35 5.76 1.65
C SER B 260 -1.74 6.02 3.11
N PRO B 261 -2.34 7.18 3.39
CA PRO B 261 -2.77 7.58 4.73
C PRO B 261 -3.84 6.65 5.31
N SER B 262 -4.29 5.69 4.49
CA SER B 262 -5.30 4.72 4.89
C SER B 262 -4.75 3.66 5.83
N ALA B 263 -5.64 2.88 6.41
CA ALA B 263 -5.26 1.82 7.33
C ALA B 263 -4.36 0.78 6.65
N GLY B 264 -4.47 0.66 5.32
CA GLY B 264 -3.64 -0.28 4.59
C GLY B 264 -2.17 0.09 4.63
N GLY B 265 -1.90 1.39 4.63
CA GLY B 265 -0.52 1.88 4.68
C GLY B 265 0.20 1.49 5.96
N ILE B 266 -0.55 1.12 6.99
CA ILE B 266 0.05 0.69 8.25
C ILE B 266 0.69 -0.67 8.01
N CYS B 267 -0.02 -1.50 7.24
CA CYS B 267 0.46 -2.84 6.91
C CYS B 267 1.61 -2.79 5.91
N THR B 268 1.41 -2.08 4.81
CA THR B 268 2.45 -1.97 3.80
C THR B 268 3.64 -1.13 4.24
N GLY B 269 3.40 -0.23 5.19
CA GLY B 269 4.47 0.64 5.65
C GLY B 269 5.24 0.20 6.88
N LEU B 270 4.78 -0.85 7.54
CA LEU B 270 5.45 -1.34 8.75
C LEU B 270 5.79 -2.81 8.71
N GLY B 271 4.99 -3.58 7.98
CA GLY B 271 5.22 -5.00 7.88
C GLY B 271 4.34 -5.70 8.89
N ILE B 272 3.17 -5.15 9.13
CA ILE B 272 2.22 -5.71 10.07
C ILE B 272 1.06 -6.36 9.34
N ALA B 273 0.70 -7.57 9.76
CA ALA B 273 -0.43 -8.27 9.14
C ALA B 273 -1.72 -7.57 9.51
N PRO B 274 -2.72 -7.59 8.61
CA PRO B 274 -4.02 -6.95 8.85
C PRO B 274 -4.68 -7.47 10.11
N SER B 275 -4.45 -8.75 10.39
CA SER B 275 -5.01 -9.40 11.57
C SER B 275 -4.30 -8.94 12.84
N VAL B 276 -3.12 -8.35 12.67
CA VAL B 276 -2.34 -7.88 13.81
C VAL B 276 -2.74 -6.45 14.20
N VAL B 277 -3.17 -5.66 13.21
CA VAL B 277 -3.61 -4.28 13.45
C VAL B 277 -4.86 -4.25 14.30
N GLY B 278 -4.79 -3.54 15.43
CA GLY B 278 -5.92 -3.46 16.32
C GLY B 278 -6.87 -2.30 16.06
N ASP B 279 -7.31 -1.67 17.14
CA ASP B 279 -8.23 -0.54 17.08
C ASP B 279 -7.63 0.69 16.44
N LEU B 280 -8.38 1.27 15.51
CA LEU B 280 -7.92 2.47 14.83
C LEU B 280 -8.82 3.63 15.18
N ILE B 281 -8.21 4.73 15.61
CA ILE B 281 -8.97 5.92 15.97
C ILE B 281 -8.86 6.94 14.85
N GLY B 282 -10.02 7.35 14.35
CA GLY B 282 -10.05 8.32 13.27
C GLY B 282 -10.19 9.73 13.81
N VAL B 283 -9.15 10.54 13.62
CA VAL B 283 -9.16 11.91 14.08
C VAL B 283 -10.01 12.76 13.13
N VAL B 284 -11.14 13.23 13.64
CA VAL B 284 -12.06 14.05 12.86
C VAL B 284 -12.15 15.45 13.46
N LYS B 285 -11.96 16.45 12.63
CA LYS B 285 -12.06 17.82 13.09
C LYS B 285 -13.55 18.15 13.20
N ALA B 286 -13.91 19.06 14.09
CA ALA B 286 -15.30 19.46 14.29
C ALA B 286 -15.93 20.03 13.02
N TYR B 287 -15.07 20.39 12.08
CA TYR B 287 -15.48 20.92 10.79
C TYR B 287 -14.41 20.39 9.83
N THR B 288 -14.27 20.98 8.65
CA THR B 288 -13.26 20.48 7.72
C THR B 288 -12.37 21.56 7.13
N THR B 289 -11.19 21.14 6.67
CA THR B 289 -10.22 22.05 6.05
C THR B 289 -9.52 21.31 4.92
N ARG B 290 -8.86 22.07 4.06
CA ARG B 290 -8.14 21.53 2.92
C ARG B 290 -7.10 22.57 2.58
N VAL B 291 -5.84 22.16 2.56
CA VAL B 291 -4.75 23.10 2.30
C VAL B 291 -4.56 23.54 0.85
N GLY B 292 -4.49 22.58 -0.08
CA GLY B 292 -4.31 22.93 -1.48
C GLY B 292 -5.61 23.12 -2.24
N SER B 293 -5.56 23.03 -3.55
CA SER B 293 -6.75 23.18 -4.39
C SER B 293 -7.37 21.81 -4.65
N GLY B 294 -8.59 21.79 -5.19
CA GLY B 294 -9.26 20.54 -5.46
C GLY B 294 -10.69 20.51 -4.93
N PRO B 295 -11.40 19.38 -5.09
CA PRO B 295 -12.78 19.23 -4.63
C PRO B 295 -12.96 19.40 -3.13
N PHE B 296 -13.96 20.20 -2.74
CA PHE B 296 -14.26 20.46 -1.35
C PHE B 296 -15.75 20.81 -1.32
N PRO B 297 -16.61 19.78 -1.22
CA PRO B 297 -18.08 19.88 -1.18
C PRO B 297 -18.68 20.83 -0.14
N THR B 298 -18.17 20.77 1.07
CA THR B 298 -18.66 21.59 2.17
C THR B 298 -17.90 22.90 2.40
N GLU B 299 -17.05 23.28 1.44
CA GLU B 299 -16.28 24.51 1.58
C GLU B 299 -17.15 25.75 1.70
N ASN B 300 -16.80 26.59 2.66
CA ASN B 300 -17.51 27.85 2.90
C ASN B 300 -16.60 29.00 2.49
N LEU B 301 -17.08 29.84 1.59
CA LEU B 301 -16.31 30.99 1.12
C LEU B 301 -16.84 32.33 1.62
N GLY B 302 -17.40 32.33 2.83
CA GLY B 302 -17.94 33.55 3.38
C GLY B 302 -17.61 33.77 4.84
N THR B 303 -18.55 34.37 5.56
CA THR B 303 -18.39 34.66 6.98
C THR B 303 -17.96 33.43 7.77
N GLY B 304 -18.82 32.41 7.77
CA GLY B 304 -18.54 31.18 8.48
C GLY B 304 -17.19 30.59 8.14
N GLY B 305 -16.79 30.73 6.87
CA GLY B 305 -15.52 30.22 6.41
C GLY B 305 -14.37 30.99 7.04
N ASP B 306 -14.36 32.31 6.84
CA ASP B 306 -13.32 33.18 7.38
C ASP B 306 -13.27 33.05 8.90
N LEU B 307 -14.42 32.75 9.50
CA LEU B 307 -14.54 32.61 10.94
C LEU B 307 -13.91 31.34 11.47
N LEU B 308 -14.23 30.22 10.84
CA LEU B 308 -13.68 28.93 11.23
C LEU B 308 -12.15 28.97 11.15
N ARG B 309 -11.67 29.65 10.11
CA ARG B 309 -10.24 29.80 9.88
C ARG B 309 -9.54 30.57 10.99
N LEU B 310 -10.16 31.64 11.47
CA LEU B 310 -9.58 32.45 12.54
C LEU B 310 -9.65 31.73 13.88
N ALA B 311 -10.84 31.21 14.21
CA ALA B 311 -11.03 30.51 15.47
C ALA B 311 -10.13 29.28 15.57
N GLY B 312 -9.88 28.64 14.43
CA GLY B 312 -9.04 27.46 14.41
C GLY B 312 -7.62 27.75 14.00
N GLN B 313 -7.34 29.01 13.69
CA GLN B 313 -6.01 29.44 13.27
C GLN B 313 -5.55 28.61 12.07
N GLU B 314 -6.48 28.34 11.17
CA GLU B 314 -6.21 27.55 9.98
C GLU B 314 -5.41 28.32 8.92
N PHE B 315 -4.14 28.56 9.22
CA PHE B 315 -3.24 29.25 8.31
C PHE B 315 -1.94 28.46 8.21
N GLY B 316 -1.29 28.53 7.05
CA GLY B 316 -0.04 27.82 6.87
C GLY B 316 0.98 28.25 7.92
N THR B 317 1.67 27.28 8.52
CA THR B 317 2.65 27.59 9.55
C THR B 317 3.91 28.22 8.96
N THR B 318 4.29 27.77 7.78
CA THR B 318 5.49 28.28 7.12
C THR B 318 5.18 29.40 6.13
N THR B 319 3.94 29.43 5.66
CA THR B 319 3.52 30.43 4.68
C THR B 319 2.49 31.44 5.19
N GLY B 320 1.61 30.98 6.08
CA GLY B 320 0.58 31.86 6.60
C GLY B 320 -0.58 31.95 5.65
N ARG B 321 -0.56 31.13 4.60
CA ARG B 321 -1.64 31.12 3.61
C ARG B 321 -2.94 30.60 4.20
N PRO B 322 -4.06 31.28 3.90
CA PRO B 322 -5.37 30.89 4.41
C PRO B 322 -5.77 29.53 3.89
N ARG B 323 -6.21 28.65 4.78
CA ARG B 323 -6.65 27.32 4.39
C ARG B 323 -8.17 27.27 4.20
N ARG B 324 -8.59 26.57 3.16
CA ARG B 324 -10.01 26.42 2.84
C ARG B 324 -10.73 25.79 4.02
N CYS B 325 -11.87 26.35 4.39
CA CYS B 325 -12.64 25.84 5.51
C CYS B 325 -14.08 25.55 5.13
N GLY B 326 -14.67 24.58 5.82
CA GLY B 326 -16.05 24.21 5.54
C GLY B 326 -16.66 23.48 6.73
N TRP B 327 -17.82 22.85 6.52
CA TRP B 327 -18.50 22.13 7.58
C TRP B 327 -18.13 20.66 7.58
N LEU B 328 -18.28 20.03 8.73
CA LEU B 328 -17.98 18.62 8.87
C LEU B 328 -18.74 17.84 7.80
N ASP B 329 -18.01 17.25 6.87
CA ASP B 329 -18.61 16.49 5.78
C ASP B 329 -18.95 15.07 6.24
N ILE B 330 -20.23 14.81 6.48
CA ILE B 330 -20.66 13.49 6.95
C ILE B 330 -20.50 12.40 5.89
N VAL B 331 -20.75 12.76 4.63
CA VAL B 331 -20.62 11.80 3.54
C VAL B 331 -19.15 11.37 3.42
N ALA B 332 -18.24 12.34 3.40
CA ALA B 332 -16.81 12.06 3.29
C ALA B 332 -16.29 11.35 4.54
N LEU B 333 -16.98 11.54 5.66
CA LEU B 333 -16.60 10.93 6.92
C LEU B 333 -17.04 9.47 7.04
N LYS B 334 -18.21 9.13 6.52
CA LYS B 334 -18.68 7.76 6.58
C LYS B 334 -17.81 6.92 5.67
N PHE B 335 -17.36 7.57 4.59
CA PHE B 335 -16.49 6.94 3.60
C PHE B 335 -15.20 6.52 4.29
N SER B 336 -14.52 7.47 4.90
CA SER B 336 -13.27 7.19 5.60
C SER B 336 -13.47 6.16 6.72
N CYS B 337 -14.66 6.13 7.29
CA CYS B 337 -14.96 5.18 8.35
C CYS B 337 -15.01 3.74 7.83
N GLN B 338 -15.52 3.55 6.62
CA GLN B 338 -15.59 2.20 6.05
C GLN B 338 -14.25 1.77 5.49
N ILE B 339 -13.53 2.72 4.88
CA ILE B 339 -12.21 2.46 4.30
C ILE B 339 -11.22 1.96 5.36
N ASN B 340 -11.26 2.56 6.54
CA ASN B 340 -10.35 2.20 7.62
C ASN B 340 -10.96 1.34 8.72
N GLY B 341 -12.28 1.32 8.80
CA GLY B 341 -12.93 0.53 9.84
C GLY B 341 -12.56 0.98 11.23
N PHE B 342 -12.67 2.28 11.48
CA PHE B 342 -12.33 2.89 12.77
C PHE B 342 -13.16 2.34 13.92
N ALA B 343 -12.49 2.12 15.05
CA ALA B 343 -13.14 1.62 16.25
C ALA B 343 -13.69 2.80 17.05
N SER B 344 -12.92 3.89 17.05
CA SER B 344 -13.28 5.11 17.76
C SER B 344 -12.90 6.33 16.93
N LEU B 345 -13.39 7.49 17.36
CA LEU B 345 -13.11 8.76 16.68
C LEU B 345 -12.65 9.81 17.66
N ASN B 346 -11.80 10.71 17.19
CA ASN B 346 -11.30 11.80 18.02
C ASN B 346 -11.79 13.09 17.40
N LEU B 347 -12.92 13.59 17.90
CA LEU B 347 -13.50 14.83 17.40
C LEU B 347 -12.70 16.00 17.94
N THR B 348 -11.84 16.56 17.09
CA THR B 348 -10.99 17.67 17.46
C THR B 348 -11.59 19.03 17.14
N LYS B 349 -10.98 20.08 17.70
CA LYS B 349 -11.40 21.46 17.49
C LYS B 349 -12.88 21.75 17.72
N LEU B 350 -13.47 21.13 18.75
CA LEU B 350 -14.87 21.35 19.05
C LEU B 350 -15.08 22.80 19.52
N ASP B 351 -14.09 23.30 20.26
CA ASP B 351 -14.11 24.66 20.79
C ASP B 351 -14.17 25.74 19.70
N VAL B 352 -13.77 25.40 18.48
CA VAL B 352 -13.78 26.36 17.39
C VAL B 352 -15.21 26.79 17.07
N LEU B 353 -16.16 25.90 17.35
CA LEU B 353 -17.58 26.16 17.10
C LEU B 353 -18.28 26.86 18.26
N SER B 354 -17.51 27.33 19.24
CA SER B 354 -18.07 28.00 20.42
C SER B 354 -18.71 29.37 20.13
N ASP B 355 -18.30 30.01 19.03
CA ASP B 355 -18.84 31.32 18.68
C ASP B 355 -19.87 31.20 17.56
N LEU B 356 -20.25 29.97 17.22
CA LEU B 356 -21.24 29.78 16.18
C LEU B 356 -22.66 29.80 16.70
N ASN B 357 -23.49 30.59 16.04
CA ASN B 357 -24.90 30.70 16.37
C ASN B 357 -25.57 29.38 16.01
N GLU B 358 -25.39 28.94 14.76
CA GLU B 358 -25.95 27.69 14.27
C GLU B 358 -24.87 26.93 13.51
N ILE B 359 -24.77 25.63 13.77
CA ILE B 359 -23.77 24.78 13.12
C ILE B 359 -24.41 23.93 12.02
N GLN B 360 -23.66 23.72 10.94
CA GLN B 360 -24.17 22.92 9.83
C GLN B 360 -23.38 21.63 9.62
N LEU B 361 -24.04 20.63 9.03
CA LEU B 361 -23.45 19.34 8.74
C LEU B 361 -23.69 18.94 7.29
N GLY B 362 -22.68 18.43 6.61
CA GLY B 362 -22.83 18.01 5.24
C GLY B 362 -23.44 16.61 5.24
N VAL B 363 -24.75 16.53 5.47
CA VAL B 363 -25.46 15.27 5.55
C VAL B 363 -25.62 14.42 4.28
N ALA B 364 -25.73 15.05 3.12
CA ALA B 364 -25.91 14.26 1.90
C ALA B 364 -25.47 14.95 0.61
N TYR B 365 -25.31 14.15 -0.44
CA TYR B 365 -24.92 14.63 -1.76
C TYR B 365 -26.07 14.34 -2.72
N LYS B 366 -26.25 15.21 -3.71
CA LYS B 366 -27.30 15.05 -4.71
C LYS B 366 -26.80 15.66 -6.02
N ARG B 367 -27.03 14.95 -7.13
CA ARG B 367 -26.59 15.43 -8.44
C ARG B 367 -27.32 16.68 -8.90
N SER B 368 -26.82 17.25 -9.99
CA SER B 368 -27.42 18.45 -10.58
C SER B 368 -28.88 18.10 -10.87
N ASP B 369 -29.07 16.97 -11.54
CA ASP B 369 -30.40 16.50 -11.91
C ASP B 369 -31.29 16.08 -10.73
N GLY B 370 -30.70 15.86 -9.56
CA GLY B 370 -31.49 15.49 -8.40
C GLY B 370 -31.23 14.11 -7.83
N THR B 371 -30.78 13.16 -8.65
CA THR B 371 -30.50 11.82 -8.16
C THR B 371 -29.45 11.84 -7.04
N PRO B 372 -29.79 11.27 -5.87
CA PRO B 372 -28.90 11.22 -4.72
C PRO B 372 -27.61 10.47 -5.02
N VAL B 373 -26.50 10.96 -4.48
CA VAL B 373 -25.21 10.31 -4.69
C VAL B 373 -25.04 9.25 -3.60
N LYS B 374 -24.78 8.02 -4.05
CA LYS B 374 -24.59 6.86 -3.19
C LYS B 374 -23.54 7.05 -2.09
N SER B 375 -22.28 6.87 -2.45
CA SER B 375 -21.17 7.03 -1.51
C SER B 375 -20.25 8.07 -2.11
N PHE B 376 -19.25 8.48 -1.33
CA PHE B 376 -18.30 9.47 -1.80
C PHE B 376 -17.72 8.98 -3.14
N PRO B 377 -17.94 9.75 -4.22
CA PRO B 377 -17.47 9.42 -5.57
C PRO B 377 -16.02 9.74 -5.83
N GLY B 378 -15.42 8.96 -6.72
CA GLY B 378 -14.01 9.16 -7.07
C GLY B 378 -13.84 10.15 -8.19
N ASP B 379 -14.88 10.26 -9.02
CA ASP B 379 -14.87 11.19 -10.16
C ASP B 379 -14.88 12.62 -9.66
N LEU B 380 -13.78 13.32 -9.93
CA LEU B 380 -13.60 14.70 -9.52
C LEU B 380 -14.71 15.61 -10.06
N ARG B 381 -15.11 15.38 -11.30
CA ARG B 381 -16.14 16.18 -11.94
C ARG B 381 -17.47 16.13 -11.17
N LEU B 382 -17.94 14.93 -10.86
CA LEU B 382 -19.19 14.75 -10.12
C LEU B 382 -19.09 15.40 -8.74
N LEU B 383 -17.87 15.41 -8.21
CA LEU B 383 -17.61 15.97 -6.91
C LEU B 383 -17.64 17.50 -6.94
N GLU B 384 -17.46 18.07 -8.12
CA GLU B 384 -17.48 19.52 -8.28
C GLU B 384 -18.81 20.00 -8.85
N GLU B 385 -19.67 19.06 -9.22
CA GLU B 385 -20.97 19.38 -9.79
C GLU B 385 -22.08 19.28 -8.75
N LEU B 386 -22.07 18.19 -7.98
CA LEU B 386 -23.09 17.94 -6.96
C LEU B 386 -23.19 19.03 -5.89
N HIS B 387 -24.24 18.97 -5.10
CA HIS B 387 -24.45 19.93 -4.02
C HIS B 387 -24.74 19.19 -2.71
N VAL B 388 -24.42 19.84 -1.60
CA VAL B 388 -24.60 19.24 -0.28
C VAL B 388 -25.92 19.63 0.38
N GLU B 389 -26.52 18.68 1.09
CA GLU B 389 -27.76 18.92 1.82
C GLU B 389 -27.38 19.03 3.28
N TYR B 390 -27.44 20.25 3.80
CA TYR B 390 -27.10 20.50 5.19
C TYR B 390 -28.20 20.27 6.20
N GLU B 391 -27.78 20.14 7.45
CA GLU B 391 -28.66 19.94 8.58
C GLU B 391 -28.12 20.98 9.55
N VAL B 392 -29.00 21.78 10.16
CA VAL B 392 -28.53 22.81 11.09
C VAL B 392 -28.78 22.47 12.55
N LEU B 393 -27.71 22.46 13.33
CA LEU B 393 -27.81 22.16 14.74
C LEU B 393 -27.59 23.42 15.56
N PRO B 394 -28.33 23.56 16.67
CA PRO B 394 -28.18 24.75 17.51
C PRO B 394 -26.81 24.79 18.17
N GLY B 395 -26.08 25.87 17.95
CA GLY B 395 -24.77 26.01 18.54
C GLY B 395 -24.83 26.58 19.94
N TRP B 396 -23.90 26.15 20.78
CA TRP B 396 -23.79 26.67 22.15
C TRP B 396 -22.87 27.87 21.99
N LYS B 397 -23.07 28.91 22.77
CA LYS B 397 -22.21 30.08 22.65
C LYS B 397 -21.57 30.39 23.99
N SER B 398 -20.71 29.48 24.42
CA SER B 398 -20.01 29.60 25.69
C SER B 398 -18.61 28.99 25.60
N ASP B 399 -17.66 29.59 26.29
CA ASP B 399 -16.28 29.09 26.28
C ASP B 399 -16.27 27.71 26.94
N ILE B 400 -15.62 26.76 26.27
CA ILE B 400 -15.55 25.40 26.79
C ILE B 400 -14.13 24.84 26.86
N SER B 401 -13.13 25.64 26.52
CA SER B 401 -11.76 25.18 26.55
C SER B 401 -11.23 24.83 27.93
N SER B 402 -12.13 24.80 28.92
CA SER B 402 -11.77 24.46 30.30
C SER B 402 -12.54 23.25 30.82
N VAL B 403 -13.51 22.77 30.03
CA VAL B 403 -14.32 21.62 30.41
C VAL B 403 -13.51 20.32 30.34
N ARG B 404 -13.46 19.61 31.47
CA ARG B 404 -12.71 18.35 31.55
C ARG B 404 -13.61 17.12 31.42
N ASN B 405 -14.78 17.15 32.05
CA ASN B 405 -15.72 16.03 31.98
C ASN B 405 -16.65 16.17 30.77
N TYR B 406 -17.34 15.09 30.43
CA TYR B 406 -18.24 15.12 29.29
C TYR B 406 -19.56 15.81 29.59
N SER B 407 -20.26 15.33 30.62
CA SER B 407 -21.55 15.91 31.00
C SER B 407 -21.50 17.39 31.40
N ASP B 408 -20.29 17.92 31.60
CA ASP B 408 -20.12 19.33 31.93
C ASP B 408 -20.25 20.20 30.69
N LEU B 409 -20.20 19.57 29.52
CA LEU B 409 -20.32 20.26 28.24
C LEU B 409 -21.74 20.77 28.04
N PRO B 410 -21.89 21.91 27.35
CA PRO B 410 -23.21 22.49 27.06
C PRO B 410 -24.03 21.44 26.34
N LYS B 411 -25.33 21.38 26.62
CA LYS B 411 -26.17 20.37 26.00
C LYS B 411 -26.12 20.41 24.46
N ALA B 412 -26.05 21.61 23.90
CA ALA B 412 -26.00 21.75 22.45
C ALA B 412 -24.76 21.09 21.89
N ALA B 413 -23.66 21.18 22.64
CA ALA B 413 -22.39 20.58 22.23
C ALA B 413 -22.49 19.06 22.29
N GLN B 414 -22.99 18.55 23.40
CA GLN B 414 -23.16 17.10 23.58
C GLN B 414 -23.92 16.54 22.39
N GLN B 415 -25.04 17.18 22.07
CA GLN B 415 -25.89 16.76 20.96
C GLN B 415 -25.20 16.73 19.60
N TYR B 416 -24.27 17.66 19.37
CA TYR B 416 -23.54 17.70 18.11
C TYR B 416 -22.68 16.46 18.00
N VAL B 417 -21.94 16.17 19.07
CA VAL B 417 -21.08 15.00 19.15
C VAL B 417 -21.94 13.76 18.92
N GLU B 418 -22.99 13.64 19.72
CA GLU B 418 -23.92 12.52 19.63
C GLU B 418 -24.55 12.36 18.25
N ARG B 419 -24.69 13.47 17.54
CA ARG B 419 -25.27 13.47 16.20
C ARG B 419 -24.33 12.88 15.16
N ILE B 420 -23.04 13.22 15.29
CA ILE B 420 -22.03 12.73 14.38
C ILE B 420 -21.94 11.19 14.53
N GLU B 421 -22.07 10.72 15.77
CA GLU B 421 -22.02 9.29 16.08
C GLU B 421 -23.23 8.54 15.51
N GLU B 422 -24.39 9.17 15.59
CA GLU B 422 -25.62 8.57 15.09
C GLU B 422 -25.56 8.43 13.57
N LEU B 423 -24.99 9.44 12.92
CA LEU B 423 -24.89 9.45 11.47
C LEU B 423 -23.78 8.54 10.94
N VAL B 424 -22.63 8.55 11.60
CA VAL B 424 -21.48 7.75 11.20
C VAL B 424 -21.51 6.30 11.66
N GLY B 425 -22.07 6.06 12.84
CA GLY B 425 -22.14 4.73 13.39
C GLY B 425 -20.97 4.42 14.31
N VAL B 426 -19.87 5.16 14.16
CA VAL B 426 -18.69 4.96 14.98
C VAL B 426 -18.70 5.94 16.15
N PRO B 427 -18.56 5.42 17.40
CA PRO B 427 -18.55 6.25 18.61
C PRO B 427 -17.30 7.12 18.73
N ILE B 428 -17.42 8.19 19.50
CA ILE B 428 -16.32 9.11 19.72
C ILE B 428 -15.87 8.97 21.17
N HIS B 429 -14.62 8.59 21.37
CA HIS B 429 -14.11 8.43 22.73
C HIS B 429 -13.19 9.58 23.12
N TYR B 430 -12.86 10.43 22.15
CA TYR B 430 -11.96 11.53 22.40
C TYR B 430 -12.50 12.83 21.83
N ILE B 431 -12.53 13.87 22.67
CA ILE B 431 -13.04 15.17 22.26
C ILE B 431 -12.02 16.25 22.60
N GLY B 432 -11.40 16.81 21.56
CA GLY B 432 -10.43 17.87 21.77
C GLY B 432 -11.11 19.21 21.84
N ILE B 433 -10.78 20.01 22.85
CA ILE B 433 -11.37 21.33 23.03
C ILE B 433 -10.31 22.39 23.32
N GLY B 434 -9.16 22.26 22.68
CA GLY B 434 -8.07 23.20 22.86
C GLY B 434 -6.75 22.60 22.39
N PRO B 435 -5.76 23.43 22.02
CA PRO B 435 -4.45 22.95 21.56
C PRO B 435 -3.59 22.33 22.67
N GLY B 436 -4.03 22.53 23.90
CA GLY B 436 -3.30 22.01 25.05
C GLY B 436 -3.24 20.50 25.14
N ARG B 437 -2.18 20.02 25.78
CA ARG B 437 -1.94 18.60 25.98
C ARG B 437 -3.02 18.03 26.91
N ASP B 438 -3.49 18.86 27.84
CA ASP B 438 -4.51 18.46 28.80
C ASP B 438 -5.93 18.70 28.31
N ALA B 439 -6.06 19.49 27.25
CA ALA B 439 -7.38 19.82 26.70
C ALA B 439 -8.03 18.70 25.88
N LEU B 440 -8.46 17.64 26.56
CA LEU B 440 -9.09 16.50 25.87
C LEU B 440 -10.14 15.84 26.76
N ILE B 441 -11.37 15.77 26.26
CA ILE B 441 -12.46 15.16 27.00
C ILE B 441 -12.67 13.71 26.59
N TYR B 442 -12.53 12.81 27.54
CA TYR B 442 -12.71 11.39 27.29
C TYR B 442 -14.18 11.04 27.40
N LYS B 443 -14.62 10.14 26.51
CA LYS B 443 -16.00 9.68 26.48
C LYS B 443 -16.02 8.17 26.22
PB GDP C . 0.29 -18.48 -9.93
O1B GDP C . 1.37 -17.54 -9.56
O2B GDP C . 0.09 -19.70 -9.17
O3B GDP C . -1.05 -17.71 -10.04
O3A GDP C . 0.60 -18.89 -11.44
PA GDP C . 0.71 -20.34 -12.13
O1A GDP C . -0.69 -20.88 -12.16
O2A GDP C . 1.51 -20.17 -13.35
O5' GDP C . 1.62 -21.15 -11.03
C5' GDP C . 1.54 -22.64 -10.78
C4' GDP C . 1.26 -23.54 -12.02
O4' GDP C . 2.03 -24.76 -11.87
C3' GDP C . -0.19 -24.06 -12.13
O3' GDP C . -0.99 -23.26 -12.94
C2' GDP C . -0.09 -25.50 -12.64
O2' GDP C . -0.04 -25.72 -14.06
C1' GDP C . 1.17 -25.92 -11.94
N9 GDP C . 0.80 -26.48 -10.61
C8 GDP C . 0.01 -25.98 -9.62
N7 GDP C . -0.12 -26.72 -8.57
C5 GDP C . 0.66 -27.84 -8.90
C6 GDP C . 0.94 -29.04 -8.14
O6 GDP C . 0.54 -29.36 -7.02
N1 GDP C . 1.79 -29.92 -8.86
C2 GDP C . 2.31 -29.67 -10.11
N2 GDP C . 3.08 -30.61 -10.63
N3 GDP C . 2.05 -28.57 -10.82
C4 GDP C . 1.23 -27.69 -10.15
PB GDP D . -1.65 16.96 12.30
O1B GDP D . -2.46 15.89 12.89
O2B GDP D . -0.22 17.03 12.56
O3B GDP D . -1.91 16.97 10.78
O3A GDP D . -2.28 18.38 12.75
PA GDP D . -1.54 19.67 13.38
O1A GDP D . -0.20 19.29 13.89
O2A GDP D . -1.66 20.78 12.44
O5' GDP D . -2.53 19.90 14.66
C5' GDP D . -3.64 20.82 14.56
C4' GDP D . -3.40 22.07 15.43
O4' GDP D . -4.60 22.26 16.17
C3' GDP D . -2.33 21.95 16.48
O3' GDP D . -1.73 23.21 16.63
C2' GDP D . -3.04 21.50 17.75
O2' GDP D . -2.40 21.78 19.03
C1' GDP D . -4.35 22.22 17.57
N9 GDP D . -5.48 21.55 18.17
C8 GDP D . -5.74 20.23 18.43
N7 GDP D . -6.88 19.97 18.98
C5 GDP D . -7.43 21.26 19.12
C6 GDP D . -8.68 21.66 19.67
O6 GDP D . -9.57 20.97 20.14
N1 GDP D . -8.84 23.07 19.60
C2 GDP D . -7.92 23.96 19.09
N2 GDP D . -8.24 25.25 19.12
N3 GDP D . -6.75 23.58 18.57
C4 GDP D . -6.58 22.22 18.62
#